data_2G75
#
_entry.id   2G75
#
_cell.length_a   69.066
_cell.length_b   69.066
_cell.length_c   166.656
_cell.angle_alpha   90.00
_cell.angle_beta   90.00
_cell.angle_gamma   120.00
#
_symmetry.space_group_name_H-M   'P 31'
#
loop_
_entity.id
_entity.type
_entity.pdbx_description
1 polymer 'IGG Heavy Chain'
2 polymer 'IGG Light Chain'
3 water water
#
loop_
_entity_poly.entity_id
_entity_poly.type
_entity_poly.pdbx_seq_one_letter_code
_entity_poly.pdbx_strand_id
1 'polypeptide(L)'
;QVQLQQSGAEVKKPGSSVKVSCKASGGTFSSYTISWVRQAPGQGLEWMGGITPILGIANYAQKFQGRVTITTDESTSTAY
MELSSLRSEDTAVYYCARDTVMGGMDVWGQGTTVTVSSASTKGPSVFPLAPSSKSTSGGTSALGCLVKDYFPEPVTVSWN
SGALTSGVHTFPAVLQSSGLYSLSSVVTVPSSSLGTQTYICNVNHKPSNTKVDKKVEPKSCDKTSPLFVHHHHHHGDYKD
DDDKG
;
A,C
2 'polypeptide(L)'
;SYELTQPPSVSVAPGKTARITCGGNNIGSKSVHWYQQKPGQAPVLVVYDDSDRPSGIPERFSGSNSGNTATLTISRVEAG
DEADYYCQVWDSSSDYVFGTGTKVTVLGQPKANPTVTLFPPSSEEFQANKATLVCLISDFYPGAVTVAWKADGSPVKAGV
ETTKPSKQSNNKYAASSYLSLTPEQWKSHRSYSCQVTHEGSTVEKTVAPTECS
;
B,D
#
# COMPACT_ATOMS: atom_id res chain seq x y z
N VAL A 2 -41.27 8.11 2.13
CA VAL A 2 -40.89 6.72 2.51
C VAL A 2 -39.55 6.77 3.25
N GLN A 3 -38.82 5.65 3.33
CA GLN A 3 -37.54 5.63 4.03
C GLN A 3 -36.57 4.65 3.37
N LEU A 4 -35.27 4.94 3.48
CA LEU A 4 -34.24 4.08 2.91
C LEU A 4 -33.48 3.43 4.07
N GLN A 5 -33.38 2.10 4.06
CA GLN A 5 -32.69 1.39 5.12
C GLN A 5 -31.39 0.82 4.58
N GLN A 6 -30.26 1.26 5.13
CA GLN A 6 -28.97 0.77 4.65
C GLN A 6 -28.40 -0.34 5.51
N SER A 7 -27.48 -1.11 4.94
CA SER A 7 -26.84 -2.21 5.66
C SER A 7 -25.81 -1.72 6.69
N GLY A 8 -25.42 -2.62 7.58
CA GLY A 8 -24.47 -2.31 8.63
C GLY A 8 -23.04 -1.92 8.26
N ALA A 9 -22.28 -1.51 9.27
CA ALA A 9 -20.89 -1.09 9.07
C ALA A 9 -20.02 -2.22 8.53
N GLU A 10 -18.98 -1.85 7.81
CA GLU A 10 -18.09 -2.82 7.22
C GLU A 10 -16.64 -2.48 7.54
N VAL A 11 -15.85 -3.50 7.81
CA VAL A 11 -14.44 -3.32 8.09
C VAL A 11 -13.72 -4.10 7.00
N LYS A 12 -12.91 -3.42 6.20
CA LYS A 12 -12.23 -4.09 5.11
C LYS A 12 -10.74 -3.85 5.03
N LYS A 13 -10.05 -4.83 4.44
CA LYS A 13 -8.61 -4.78 4.24
C LYS A 13 -8.36 -4.13 2.89
N PRO A 14 -7.28 -3.35 2.77
CA PRO A 14 -6.99 -2.70 1.48
C PRO A 14 -6.93 -3.74 0.36
N GLY A 15 -7.38 -3.36 -0.83
CA GLY A 15 -7.34 -4.28 -1.95
C GLY A 15 -8.60 -5.09 -2.15
N SER A 16 -9.36 -5.31 -1.08
CA SER A 16 -10.59 -6.06 -1.21
C SER A 16 -11.68 -5.13 -1.75
N SER A 17 -12.92 -5.59 -1.72
CA SER A 17 -14.05 -4.82 -2.19
C SER A 17 -15.18 -4.89 -1.19
N VAL A 18 -16.10 -3.93 -1.24
CA VAL A 18 -17.22 -3.91 -0.32
C VAL A 18 -18.50 -3.69 -1.11
N LYS A 19 -19.62 -4.20 -0.60
CA LYS A 19 -20.92 -4.04 -1.27
C LYS A 19 -21.97 -3.64 -0.25
N VAL A 20 -22.54 -2.45 -0.40
CA VAL A 20 -23.53 -1.92 0.55
C VAL A 20 -24.99 -1.97 0.06
N SER A 21 -25.91 -2.19 0.98
CA SER A 21 -27.35 -2.27 0.64
C SER A 21 -28.19 -1.06 0.99
N CYS A 22 -29.21 -0.83 0.17
CA CYS A 22 -30.15 0.27 0.36
C CYS A 22 -31.55 -0.27 -0.02
N LYS A 23 -32.36 -0.53 0.99
CA LYS A 23 -33.71 -1.04 0.77
C LYS A 23 -34.75 0.06 0.88
N ALA A 24 -35.66 0.07 -0.08
CA ALA A 24 -36.72 1.04 -0.10
C ALA A 24 -37.69 0.56 0.98
N SER A 25 -38.20 1.50 1.77
CA SER A 25 -39.12 1.16 2.84
C SER A 25 -40.43 0.59 2.29
N GLY A 26 -40.94 1.21 1.24
CA GLY A 26 -42.19 0.79 0.64
C GLY A 26 -42.17 -0.54 -0.09
N GLY A 27 -40.99 -1.07 -0.36
CA GLY A 27 -40.91 -2.34 -1.05
C GLY A 27 -40.31 -2.25 -2.44
N THR A 28 -40.32 -1.06 -3.03
CA THR A 28 -39.75 -0.84 -4.35
C THR A 28 -39.30 0.60 -4.49
N PHE A 29 -38.45 0.88 -5.48
CA PHE A 29 -37.99 2.24 -5.71
C PHE A 29 -38.88 2.94 -6.71
N SER A 30 -39.91 2.22 -7.17
CA SER A 30 -40.88 2.76 -8.12
C SER A 30 -40.17 3.30 -9.35
N SER A 31 -40.47 4.55 -9.70
CA SER A 31 -39.86 5.20 -10.86
C SER A 31 -38.70 6.12 -10.46
N TYR A 32 -38.28 6.04 -9.21
CA TYR A 32 -37.22 6.90 -8.70
C TYR A 32 -35.83 6.54 -9.13
N THR A 33 -34.94 7.51 -8.98
CA THR A 33 -33.53 7.31 -9.28
C THR A 33 -32.85 7.44 -7.91
N ILE A 34 -32.04 6.45 -7.57
CA ILE A 34 -31.32 6.45 -6.29
C ILE A 34 -29.83 6.74 -6.43
N SER A 35 -29.35 7.74 -5.69
CA SER A 35 -27.93 8.11 -5.72
C SER A 35 -27.17 7.48 -4.57
N TRP A 36 -25.85 7.54 -4.65
CA TRP A 36 -24.97 7.02 -3.62
C TRP A 36 -23.93 8.09 -3.36
N VAL A 37 -24.00 8.70 -2.18
CA VAL A 37 -23.10 9.76 -1.79
C VAL A 37 -22.26 9.27 -0.63
N ARG A 38 -21.01 9.70 -0.57
CA ARG A 38 -20.16 9.28 0.53
C ARG A 38 -19.56 10.46 1.24
N GLN A 39 -19.11 10.21 2.46
CA GLN A 39 -18.53 11.25 3.24
C GLN A 39 -17.40 10.75 4.12
N ALA A 40 -16.22 11.28 3.87
CA ALA A 40 -15.04 10.91 4.64
C ALA A 40 -15.07 11.67 5.97
N PRO A 41 -14.36 11.15 6.98
CA PRO A 41 -14.32 11.79 8.31
C PRO A 41 -13.96 13.28 8.27
N GLY A 42 -14.85 14.11 8.81
CA GLY A 42 -14.62 15.54 8.80
C GLY A 42 -14.67 16.16 7.42
N GLN A 43 -14.95 15.35 6.41
CA GLN A 43 -15.01 15.80 5.02
C GLN A 43 -16.41 16.19 4.57
N GLY A 44 -16.51 16.67 3.33
CA GLY A 44 -17.78 17.05 2.77
C GLY A 44 -18.49 15.89 2.11
N LEU A 45 -19.53 16.19 1.34
CA LEU A 45 -20.32 15.18 0.64
C LEU A 45 -19.84 15.04 -0.80
N GLU A 46 -19.72 13.79 -1.24
CA GLU A 46 -19.27 13.53 -2.59
C GLU A 46 -20.13 12.50 -3.29
N TRP A 47 -20.76 12.95 -4.37
CA TRP A 47 -21.64 12.11 -5.18
C TRP A 47 -20.82 11.03 -5.89
N MET A 48 -21.26 9.78 -5.80
CA MET A 48 -20.54 8.67 -6.43
C MET A 48 -21.16 8.14 -7.70
N GLY A 49 -22.48 8.16 -7.76
CA GLY A 49 -23.16 7.65 -8.93
C GLY A 49 -24.63 7.52 -8.60
N GLY A 50 -25.32 6.70 -9.40
CA GLY A 50 -26.74 6.52 -9.20
C GLY A 50 -27.33 5.46 -10.12
N ILE A 51 -28.51 5.00 -9.74
CA ILE A 51 -29.20 4.00 -10.51
C ILE A 51 -30.70 4.27 -10.48
N THR A 52 -31.37 3.89 -11.56
CA THR A 52 -32.82 4.02 -11.66
C THR A 52 -33.25 2.58 -11.86
N PRO A 53 -33.64 1.92 -10.75
CA PRO A 53 -34.06 0.53 -10.80
C PRO A 53 -35.14 0.18 -11.83
N ILE A 54 -36.09 1.08 -12.08
CA ILE A 54 -37.14 0.74 -13.04
C ILE A 54 -36.67 0.82 -14.48
N LEU A 55 -35.42 1.23 -14.69
CA LEU A 55 -34.86 1.34 -16.03
C LEU A 55 -33.58 0.53 -16.19
N GLY A 56 -33.08 -0.02 -15.09
CA GLY A 56 -31.85 -0.82 -15.15
C GLY A 56 -30.66 -0.04 -15.70
N ILE A 57 -30.70 1.28 -15.55
CA ILE A 57 -29.62 2.14 -16.02
C ILE A 57 -28.93 2.82 -14.84
N ALA A 58 -27.62 2.99 -14.94
CA ALA A 58 -26.86 3.62 -13.85
C ALA A 58 -25.72 4.52 -14.34
N ASN A 59 -25.48 5.61 -13.62
CA ASN A 59 -24.38 6.52 -13.95
C ASN A 59 -23.29 6.35 -12.92
N TYR A 60 -22.15 6.97 -13.17
CA TYR A 60 -21.02 6.92 -12.25
C TYR A 60 -20.25 8.22 -12.39
N ALA A 61 -19.52 8.59 -11.35
CA ALA A 61 -18.73 9.81 -11.40
C ALA A 61 -17.39 9.43 -11.98
N GLN A 62 -16.79 10.33 -12.75
CA GLN A 62 -15.48 10.09 -13.36
C GLN A 62 -14.57 9.40 -12.36
N LYS A 63 -14.39 10.06 -11.22
CA LYS A 63 -13.53 9.63 -10.12
C LYS A 63 -13.65 8.17 -9.69
N PHE A 64 -14.81 7.56 -9.89
CA PHE A 64 -14.98 6.18 -9.46
C PHE A 64 -15.19 5.21 -10.60
N GLN A 65 -15.55 5.74 -11.76
CA GLN A 65 -15.74 4.92 -12.95
C GLN A 65 -14.62 3.88 -12.94
N GLY A 66 -14.99 2.60 -12.93
CA GLY A 66 -13.99 1.57 -12.91
C GLY A 66 -13.92 0.78 -11.62
N ARG A 67 -14.13 1.44 -10.48
CA ARG A 67 -14.08 0.76 -9.18
C ARG A 67 -15.46 0.58 -8.57
N VAL A 68 -16.46 1.23 -9.16
CA VAL A 68 -17.81 1.14 -8.64
C VAL A 68 -18.77 0.39 -9.54
N THR A 69 -19.82 -0.14 -8.92
CA THR A 69 -20.86 -0.86 -9.62
C THR A 69 -22.14 -0.77 -8.78
N ILE A 70 -23.11 -0.03 -9.30
CA ILE A 70 -24.40 0.13 -8.65
C ILE A 70 -25.44 -0.77 -9.32
N THR A 71 -25.91 -1.76 -8.58
CA THR A 71 -26.91 -2.71 -9.08
C THR A 71 -28.19 -2.74 -8.26
N THR A 72 -29.10 -3.63 -8.64
CA THR A 72 -30.39 -3.78 -7.97
C THR A 72 -30.81 -5.22 -8.09
N ASP A 73 -31.62 -5.71 -7.15
CA ASP A 73 -32.06 -7.09 -7.23
C ASP A 73 -33.27 -7.17 -8.17
N GLU A 74 -33.69 -8.39 -8.48
CA GLU A 74 -34.83 -8.61 -9.36
C GLU A 74 -36.04 -7.74 -8.99
N SER A 75 -36.50 -7.87 -7.75
CA SER A 75 -37.64 -7.10 -7.26
C SER A 75 -37.41 -5.59 -7.26
N THR A 76 -36.20 -5.18 -7.66
CA THR A 76 -35.81 -3.77 -7.68
C THR A 76 -36.24 -3.11 -6.37
N SER A 77 -36.16 -3.88 -5.28
CA SER A 77 -36.52 -3.42 -3.96
C SER A 77 -35.27 -3.06 -3.17
N THR A 78 -34.12 -3.23 -3.81
CA THR A 78 -32.85 -2.93 -3.14
C THR A 78 -31.76 -2.53 -4.12
N ALA A 79 -31.06 -1.44 -3.79
CA ALA A 79 -29.98 -0.96 -4.63
C ALA A 79 -28.68 -1.26 -3.92
N TYR A 80 -27.69 -1.68 -4.69
CA TYR A 80 -26.40 -2.00 -4.12
C TYR A 80 -25.30 -1.08 -4.62
N MET A 81 -24.26 -0.94 -3.82
CA MET A 81 -23.10 -0.12 -4.14
C MET A 81 -21.89 -0.97 -3.83
N GLU A 82 -21.14 -1.33 -4.87
CA GLU A 82 -19.96 -2.14 -4.68
C GLU A 82 -18.68 -1.38 -5.04
N LEU A 83 -17.82 -1.14 -4.04
CA LEU A 83 -16.55 -0.45 -4.27
C LEU A 83 -15.42 -1.47 -4.26
N SER A 84 -14.56 -1.40 -5.27
CA SER A 84 -13.44 -2.34 -5.38
C SER A 84 -12.09 -1.69 -5.12
N SER A 85 -11.07 -2.53 -4.95
CA SER A 85 -9.71 -2.08 -4.70
C SER A 85 -9.71 -0.96 -3.68
N LEU A 86 -10.28 -1.25 -2.52
CA LEU A 86 -10.38 -0.30 -1.42
C LEU A 86 -9.05 0.24 -0.92
N ARG A 87 -9.00 1.54 -0.64
CA ARG A 87 -7.81 2.14 -0.07
C ARG A 87 -8.21 2.82 1.22
N SER A 88 -7.22 3.15 2.03
CA SER A 88 -7.46 3.82 3.30
C SER A 88 -8.37 5.00 3.06
N GLU A 89 -8.20 5.61 1.88
CA GLU A 89 -8.98 6.78 1.48
C GLU A 89 -10.46 6.50 1.23
N ASP A 90 -10.84 5.24 1.09
CA ASP A 90 -12.25 4.92 0.88
C ASP A 90 -12.99 4.81 2.20
N THR A 91 -12.29 5.08 3.30
CA THR A 91 -12.89 5.01 4.61
C THR A 91 -13.79 6.22 4.79
N ALA A 92 -15.09 5.98 4.83
CA ALA A 92 -16.10 7.02 4.98
C ALA A 92 -17.45 6.40 5.29
N VAL A 93 -18.46 7.26 5.38
CA VAL A 93 -19.82 6.80 5.59
C VAL A 93 -20.45 6.84 4.22
N TYR A 94 -21.16 5.77 3.85
CA TYR A 94 -21.79 5.76 2.55
C TYR A 94 -23.33 5.80 2.64
N TYR A 95 -23.93 6.83 2.03
CA TYR A 95 -25.37 7.00 2.02
C TYR A 95 -26.00 6.74 0.65
N CYS A 96 -27.30 6.52 0.65
CA CYS A 96 -28.07 6.37 -0.58
C CYS A 96 -29.16 7.42 -0.41
N ALA A 97 -29.60 8.01 -1.50
CA ALA A 97 -30.64 9.03 -1.39
C ALA A 97 -31.50 9.03 -2.64
N ARG A 98 -32.74 9.48 -2.47
CA ARG A 98 -33.68 9.53 -3.57
C ARG A 98 -33.55 10.85 -4.26
N ASP A 99 -33.32 10.82 -5.57
CA ASP A 99 -33.16 12.05 -6.31
C ASP A 99 -34.50 12.69 -6.52
N THR A 100 -34.49 14.01 -6.73
CA THR A 100 -35.70 14.75 -6.98
C THR A 100 -35.71 15.12 -8.46
N VAL A 101 -36.82 15.71 -8.90
CA VAL A 101 -36.94 16.10 -10.30
C VAL A 101 -36.01 17.23 -10.72
N MET A 102 -35.80 18.21 -9.83
CA MET A 102 -34.95 19.35 -10.15
C MET A 102 -33.44 19.16 -9.93
N GLY A 103 -33.05 18.04 -9.35
CA GLY A 103 -31.64 17.79 -9.12
C GLY A 103 -31.16 17.67 -7.68
N GLY A 104 -32.07 17.61 -6.73
CA GLY A 104 -31.68 17.49 -5.33
C GLY A 104 -31.94 16.09 -4.80
N MET A 105 -31.88 15.93 -3.48
CA MET A 105 -32.13 14.63 -2.86
C MET A 105 -32.99 14.76 -1.60
N ASP A 106 -34.23 14.29 -1.69
CA ASP A 106 -35.26 14.33 -0.63
C ASP A 106 -34.98 13.41 0.55
N VAL A 107 -34.87 12.13 0.22
CA VAL A 107 -34.68 11.10 1.22
C VAL A 107 -33.29 10.52 1.23
N TRP A 108 -32.76 10.35 2.45
CA TRP A 108 -31.43 9.80 2.67
C TRP A 108 -31.51 8.64 3.64
N GLY A 109 -30.58 7.70 3.48
CA GLY A 109 -30.54 6.58 4.39
C GLY A 109 -29.76 7.02 5.61
N GLN A 110 -29.70 6.18 6.63
CA GLN A 110 -28.98 6.48 7.86
C GLN A 110 -27.48 6.44 7.60
N GLY A 111 -27.09 5.73 6.54
CA GLY A 111 -25.69 5.61 6.20
C GLY A 111 -25.04 4.30 6.62
N THR A 112 -23.95 3.96 5.95
CA THR A 112 -23.21 2.75 6.24
C THR A 112 -21.74 3.12 6.43
N THR A 113 -21.16 2.74 7.57
CA THR A 113 -19.77 3.04 7.82
C THR A 113 -18.90 1.92 7.28
N VAL A 114 -17.91 2.28 6.49
CA VAL A 114 -17.01 1.28 5.94
C VAL A 114 -15.62 1.77 6.22
N THR A 115 -14.91 1.03 7.06
CA THR A 115 -13.54 1.37 7.43
C THR A 115 -12.55 0.49 6.67
N VAL A 116 -11.55 1.13 6.08
CA VAL A 116 -10.52 0.44 5.32
C VAL A 116 -9.18 0.50 6.05
N SER A 117 -8.76 -0.63 6.62
CA SER A 117 -7.51 -0.71 7.35
C SER A 117 -6.80 -2.02 7.14
N SER A 118 -5.47 -1.99 7.13
CA SER A 118 -4.69 -3.20 6.94
C SER A 118 -4.51 -3.95 8.26
N ALA A 119 -5.09 -3.41 9.32
CA ALA A 119 -4.98 -4.02 10.64
C ALA A 119 -6.05 -5.06 10.88
N SER A 120 -5.78 -5.91 11.86
CA SER A 120 -6.69 -6.97 12.25
C SER A 120 -7.24 -6.65 13.66
N THR A 121 -8.42 -7.18 13.96
CA THR A 121 -9.07 -6.92 15.26
C THR A 121 -8.18 -7.07 16.49
N LYS A 122 -8.21 -6.05 17.35
CA LYS A 122 -7.37 -6.03 18.54
C LYS A 122 -8.04 -5.48 19.80
N GLY A 123 -8.11 -6.31 20.84
CA GLY A 123 -8.70 -5.88 22.09
C GLY A 123 -7.93 -4.70 22.63
N PRO A 124 -8.56 -3.84 23.45
CA PRO A 124 -7.87 -2.67 24.00
C PRO A 124 -7.02 -2.89 25.24
N SER A 125 -5.99 -2.04 25.36
CA SER A 125 -5.11 -2.04 26.52
C SER A 125 -5.63 -0.82 27.29
N VAL A 126 -5.89 -0.98 28.58
CA VAL A 126 -6.43 0.12 29.38
C VAL A 126 -5.47 0.59 30.45
N PHE A 127 -5.02 1.82 30.30
CA PHE A 127 -4.10 2.43 31.27
C PHE A 127 -4.78 3.52 32.09
N PRO A 128 -4.32 3.72 33.32
CA PRO A 128 -4.89 4.75 34.18
C PRO A 128 -4.35 6.17 33.98
N LEU A 129 -5.21 7.16 34.13
CA LEU A 129 -4.84 8.53 34.11
C LEU A 129 -5.05 8.96 35.52
N ALA A 130 -4.04 8.63 36.32
CA ALA A 130 -4.05 8.87 37.75
C ALA A 130 -4.07 10.34 38.15
N PRO A 131 -4.86 10.71 39.17
CA PRO A 131 -4.96 12.09 39.66
C PRO A 131 -3.64 12.48 40.31
N SER A 132 -3.20 13.71 40.07
CA SER A 132 -1.92 14.20 40.60
C SER A 132 -1.78 14.15 42.11
N SER A 133 -0.57 13.82 42.56
CA SER A 133 -0.27 13.76 43.99
C SER A 133 -0.65 15.09 44.63
N LYS A 134 -0.51 16.17 43.87
CA LYS A 134 -0.84 17.52 44.33
C LYS A 134 -2.35 17.58 44.43
N SER A 135 -2.98 17.62 43.25
CA SER A 135 -4.43 17.69 43.07
C SER A 135 -4.66 18.42 41.75
N THR A 136 -5.91 18.46 41.30
CA THR A 136 -6.22 19.15 40.07
C THR A 136 -6.71 20.57 40.41
N SER A 137 -8.02 20.76 40.47
CA SER A 137 -8.59 22.07 40.79
C SER A 137 -9.13 22.12 42.21
N GLY A 138 -8.30 22.60 43.14
CA GLY A 138 -8.70 22.71 44.55
C GLY A 138 -10.18 22.53 44.81
N GLY A 139 -10.55 21.35 45.30
CA GLY A 139 -11.95 21.05 45.56
C GLY A 139 -12.36 19.85 44.73
N THR A 140 -12.24 19.99 43.42
CA THR A 140 -12.55 18.91 42.50
C THR A 140 -11.22 18.35 41.99
N SER A 141 -11.29 17.17 41.39
CA SER A 141 -10.09 16.52 40.89
C SER A 141 -10.42 15.65 39.66
N ALA A 142 -9.48 15.55 38.73
CA ALA A 142 -9.69 14.77 37.52
C ALA A 142 -8.86 13.50 37.49
N LEU A 143 -9.50 12.42 37.07
CA LEU A 143 -8.83 11.12 36.93
C LEU A 143 -9.48 10.43 35.72
N GLY A 144 -8.76 9.49 35.10
CA GLY A 144 -9.34 8.84 33.94
C GLY A 144 -8.72 7.55 33.47
N CYS A 145 -9.10 7.16 32.27
CA CYS A 145 -8.61 5.92 31.66
C CYS A 145 -8.22 6.14 30.22
N LEU A 146 -7.10 5.53 29.83
CA LEU A 146 -6.59 5.61 28.48
C LEU A 146 -6.87 4.25 27.85
N VAL A 147 -7.78 4.23 26.88
CA VAL A 147 -8.15 2.99 26.18
C VAL A 147 -7.32 3.05 24.92
N LYS A 148 -6.15 2.44 24.98
CA LYS A 148 -5.20 2.48 23.88
C LYS A 148 -5.07 1.25 22.97
N ASP A 149 -4.83 1.53 21.69
CA ASP A 149 -4.63 0.57 20.60
C ASP A 149 -5.62 -0.58 20.39
N TYR A 150 -6.86 -0.24 20.05
CA TYR A 150 -7.89 -1.25 19.82
C TYR A 150 -8.41 -1.12 18.37
N PHE A 151 -9.04 -2.19 17.89
CA PHE A 151 -9.55 -2.22 16.52
C PHE A 151 -10.52 -3.38 16.30
N PRO A 152 -11.63 -3.13 15.59
CA PRO A 152 -11.98 -1.83 15.01
C PRO A 152 -12.82 -1.10 16.05
N GLU A 153 -13.54 -0.06 15.62
CA GLU A 153 -14.41 0.68 16.53
C GLU A 153 -15.66 -0.16 16.73
N PRO A 154 -16.41 0.08 17.80
CA PRO A 154 -16.16 1.09 18.84
C PRO A 154 -15.98 0.44 20.22
N VAL A 155 -15.67 1.28 21.20
CA VAL A 155 -15.55 0.83 22.58
C VAL A 155 -16.48 1.74 23.36
N THR A 156 -17.03 1.24 24.46
CA THR A 156 -17.92 2.04 25.29
C THR A 156 -17.26 2.12 26.64
N VAL A 157 -17.47 3.22 27.34
CA VAL A 157 -16.89 3.36 28.67
C VAL A 157 -17.91 3.89 29.65
N SER A 158 -17.86 3.37 30.87
CA SER A 158 -18.76 3.78 31.93
C SER A 158 -17.87 3.78 33.16
N TRP A 159 -18.34 4.39 34.24
CA TRP A 159 -17.55 4.45 35.46
C TRP A 159 -18.30 3.88 36.65
N ASN A 160 -17.58 3.12 37.47
CA ASN A 160 -18.16 2.48 38.63
C ASN A 160 -19.49 1.79 38.29
N SER A 161 -19.50 1.04 37.19
CA SER A 161 -20.67 0.30 36.75
C SER A 161 -21.87 1.17 36.42
N GLY A 162 -21.60 2.41 36.02
CA GLY A 162 -22.68 3.31 35.67
C GLY A 162 -23.20 4.21 36.77
N ALA A 163 -22.71 4.05 38.00
CA ALA A 163 -23.17 4.88 39.11
C ALA A 163 -22.67 6.31 38.94
N LEU A 164 -21.37 6.46 38.71
CA LEU A 164 -20.74 7.76 38.51
C LEU A 164 -21.06 8.28 37.10
N THR A 165 -22.02 9.21 36.99
CA THR A 165 -22.38 9.75 35.68
C THR A 165 -21.93 11.20 35.47
N SER A 166 -22.23 12.05 36.44
CA SER A 166 -21.88 13.47 36.39
C SER A 166 -20.38 13.71 36.52
N GLY A 167 -19.86 14.60 35.68
CA GLY A 167 -18.44 14.92 35.69
C GLY A 167 -17.64 14.08 34.70
N VAL A 168 -18.35 13.23 33.96
CA VAL A 168 -17.73 12.34 33.00
C VAL A 168 -17.77 12.82 31.55
N HIS A 169 -16.68 12.55 30.83
CA HIS A 169 -16.56 12.83 29.41
C HIS A 169 -15.66 11.76 28.81
N THR A 170 -16.16 11.12 27.78
CA THR A 170 -15.42 10.10 27.06
C THR A 170 -15.17 10.73 25.69
N PHE A 171 -13.89 10.97 25.38
CA PHE A 171 -13.53 11.60 24.11
C PHE A 171 -13.60 10.71 22.89
N PRO A 172 -13.67 11.32 21.70
CA PRO A 172 -13.73 10.60 20.42
C PRO A 172 -12.38 9.91 20.29
N ALA A 173 -12.29 8.93 19.41
CA ALA A 173 -11.04 8.22 19.25
C ALA A 173 -10.09 8.89 18.28
N VAL A 174 -8.82 8.53 18.38
CA VAL A 174 -7.80 9.04 17.50
C VAL A 174 -7.32 7.82 16.71
N LEU A 175 -6.99 8.01 15.43
CA LEU A 175 -6.49 6.92 14.61
C LEU A 175 -4.99 7.13 14.38
N GLN A 176 -4.19 6.37 15.10
CA GLN A 176 -2.74 6.50 15.00
C GLN A 176 -2.21 5.92 13.69
N SER A 177 -0.96 6.26 13.37
CA SER A 177 -0.32 5.77 12.17
C SER A 177 -0.30 4.24 12.23
N SER A 178 -0.16 3.70 13.45
CA SER A 178 -0.15 2.26 13.65
C SER A 178 -1.42 1.63 13.08
N GLY A 179 -2.39 2.44 12.72
CA GLY A 179 -3.64 1.92 12.18
C GLY A 179 -4.64 1.53 13.28
N LEU A 180 -4.20 1.63 14.53
CA LEU A 180 -5.05 1.29 15.67
C LEU A 180 -5.73 2.53 16.27
N TYR A 181 -6.79 2.29 17.06
CA TYR A 181 -7.54 3.37 17.69
C TYR A 181 -7.25 3.54 19.17
N SER A 182 -7.36 4.78 19.63
CA SER A 182 -7.13 5.11 21.04
C SER A 182 -8.10 6.20 21.50
N LEU A 183 -8.55 6.10 22.74
CA LEU A 183 -9.45 7.09 23.29
C LEU A 183 -9.27 7.17 24.80
N SER A 184 -9.71 8.29 25.34
CA SER A 184 -9.63 8.53 26.78
C SER A 184 -11.02 8.86 27.31
N SER A 185 -11.21 8.60 28.59
CA SER A 185 -12.46 8.94 29.25
C SER A 185 -12.09 9.44 30.63
N VAL A 186 -12.53 10.64 30.97
CA VAL A 186 -12.22 11.17 32.28
C VAL A 186 -13.41 11.62 33.06
N VAL A 187 -13.18 11.80 34.36
CA VAL A 187 -14.22 12.24 35.25
C VAL A 187 -13.63 13.15 36.31
N THR A 188 -14.39 14.17 36.69
CA THR A 188 -13.98 15.11 37.71
C THR A 188 -14.68 14.71 39.01
N VAL A 189 -13.90 14.53 40.07
CA VAL A 189 -14.44 14.15 41.36
C VAL A 189 -13.89 15.00 42.50
N PRO A 190 -14.61 15.06 43.64
CA PRO A 190 -14.13 15.86 44.77
C PRO A 190 -12.77 15.39 45.28
N SER A 191 -11.79 16.29 45.29
CA SER A 191 -10.43 15.96 45.72
C SER A 191 -10.32 15.22 47.05
N SER A 192 -11.38 15.24 47.84
CA SER A 192 -11.36 14.56 49.13
C SER A 192 -11.70 13.06 49.01
N SER A 193 -12.53 12.71 48.03
CA SER A 193 -12.91 11.32 47.82
C SER A 193 -11.70 10.46 47.42
N LEU A 194 -10.66 11.11 46.93
CA LEU A 194 -9.45 10.41 46.55
C LEU A 194 -8.86 9.69 47.75
N GLY A 195 -8.75 8.37 47.68
CA GLY A 195 -8.19 7.60 48.78
C GLY A 195 -9.23 6.85 49.59
N THR A 196 -10.47 7.33 49.57
CA THR A 196 -11.53 6.68 50.32
C THR A 196 -12.59 6.12 49.36
N GLN A 197 -12.59 6.64 48.14
CA GLN A 197 -13.53 6.20 47.11
C GLN A 197 -12.76 5.56 45.95
N THR A 198 -13.12 4.33 45.63
CA THR A 198 -12.46 3.61 44.55
C THR A 198 -13.10 3.98 43.23
N TYR A 199 -12.26 4.18 42.22
CA TYR A 199 -12.75 4.55 40.90
C TYR A 199 -12.32 3.55 39.82
N ILE A 200 -13.31 2.96 39.14
CA ILE A 200 -13.06 1.98 38.10
C ILE A 200 -13.79 2.33 36.83
N CYS A 201 -13.08 2.35 35.70
CA CYS A 201 -13.74 2.65 34.45
C CYS A 201 -14.01 1.26 33.86
N ASN A 202 -15.22 1.05 33.36
CA ASN A 202 -15.59 -0.23 32.76
C ASN A 202 -15.60 -0.09 31.26
N VAL A 203 -14.73 -0.86 30.62
CA VAL A 203 -14.51 -0.81 29.17
C VAL A 203 -14.98 -2.08 28.46
N ASN A 204 -15.72 -1.89 27.37
CA ASN A 204 -16.24 -2.98 26.56
C ASN A 204 -15.91 -2.73 25.09
N HIS A 205 -15.46 -3.77 24.42
CA HIS A 205 -15.10 -3.72 23.01
C HIS A 205 -15.59 -5.05 22.46
N LYS A 206 -16.86 -5.05 22.05
CA LYS A 206 -17.51 -6.26 21.53
C LYS A 206 -16.78 -6.90 20.36
N PRO A 207 -16.21 -6.09 19.45
CA PRO A 207 -15.50 -6.68 18.31
C PRO A 207 -14.53 -7.77 18.71
N SER A 208 -13.96 -7.67 19.90
CA SER A 208 -13.00 -8.68 20.38
C SER A 208 -13.47 -9.39 21.64
N ASN A 209 -14.77 -9.36 21.91
CA ASN A 209 -15.29 -10.03 23.10
C ASN A 209 -14.42 -9.72 24.31
N THR A 210 -14.07 -8.45 24.47
CA THR A 210 -13.22 -8.01 25.54
C THR A 210 -13.90 -7.04 26.52
N LYS A 211 -13.72 -7.29 27.80
CA LYS A 211 -14.26 -6.39 28.81
C LYS A 211 -13.16 -6.10 29.83
N VAL A 212 -12.92 -4.81 30.09
CA VAL A 212 -11.90 -4.43 31.05
C VAL A 212 -12.46 -3.53 32.17
N ASP A 213 -12.17 -3.89 33.42
CA ASP A 213 -12.56 -3.09 34.58
C ASP A 213 -11.23 -2.62 35.18
N LYS A 214 -10.81 -1.42 34.79
CA LYS A 214 -9.57 -0.86 35.27
C LYS A 214 -9.79 0.07 36.47
N LYS A 215 -9.05 -0.19 37.53
CA LYS A 215 -9.13 0.60 38.74
C LYS A 215 -8.09 1.72 38.62
N VAL A 216 -8.51 2.95 38.86
CA VAL A 216 -7.60 4.10 38.76
C VAL A 216 -7.29 4.64 40.16
N GLU A 217 -6.05 4.44 40.60
CA GLU A 217 -5.62 4.89 41.93
C GLU A 217 -4.78 6.14 41.89
N PRO A 218 -4.71 6.86 43.03
CA PRO A 218 -3.92 8.08 43.14
C PRO A 218 -2.44 7.80 42.92
N LYS A 219 -1.78 8.65 42.14
CA LYS A 219 -0.37 8.50 41.83
C LYS A 219 0.46 8.42 43.13
N SER B 1 -15.23 19.07 -13.92
CA SER B 1 -16.26 19.34 -12.89
C SER B 1 -16.53 20.82 -12.68
N TYR B 2 -17.51 21.11 -11.85
CA TYR B 2 -17.96 22.43 -11.52
C TYR B 2 -17.52 22.68 -10.07
N GLU B 3 -17.70 23.88 -9.54
CA GLU B 3 -17.28 24.15 -8.18
C GLU B 3 -18.21 25.03 -7.39
N LEU B 4 -18.52 24.60 -6.17
CA LEU B 4 -19.38 25.36 -5.28
C LEU B 4 -18.52 25.78 -4.10
N THR B 5 -18.40 27.08 -3.88
CA THR B 5 -17.59 27.56 -2.78
C THR B 5 -18.48 28.04 -1.67
N GLN B 6 -18.06 27.79 -0.44
CA GLN B 6 -18.83 28.19 0.73
C GLN B 6 -17.92 28.68 1.85
N PRO B 7 -18.35 29.74 2.59
CA PRO B 7 -17.49 30.20 3.67
C PRO B 7 -17.39 29.04 4.65
N PRO B 8 -16.18 28.74 5.13
CA PRO B 8 -16.03 27.63 6.06
C PRO B 8 -16.76 27.76 7.38
N SER B 9 -16.99 28.99 7.83
CA SER B 9 -17.68 29.22 9.10
C SER B 9 -18.57 30.45 9.12
N VAL B 10 -19.66 30.33 9.87
CA VAL B 10 -20.60 31.42 10.04
C VAL B 10 -21.16 31.30 11.45
N SER B 11 -20.79 32.26 12.30
CA SER B 11 -21.24 32.28 13.68
C SER B 11 -22.27 33.39 13.80
N VAL B 12 -23.41 33.08 14.39
CA VAL B 12 -24.45 34.08 14.58
C VAL B 12 -25.07 33.95 15.98
N ALA B 13 -25.54 35.06 16.53
CA ALA B 13 -26.16 35.03 17.87
C ALA B 13 -27.63 34.68 17.73
N PRO B 14 -28.18 33.96 18.70
CA PRO B 14 -29.59 33.58 18.66
C PRO B 14 -30.54 34.75 18.41
N GLY B 15 -31.55 34.51 17.57
CA GLY B 15 -32.51 35.54 17.26
C GLY B 15 -32.11 36.31 16.02
N LYS B 16 -30.83 36.62 15.88
CA LYS B 16 -30.36 37.35 14.71
C LYS B 16 -30.53 36.47 13.47
N THR B 17 -30.22 37.04 12.31
CA THR B 17 -30.34 36.33 11.05
C THR B 17 -28.99 35.86 10.53
N ALA B 18 -28.95 34.63 10.02
CA ALA B 18 -27.73 34.05 9.50
C ALA B 18 -27.84 33.87 8.00
N ARG B 19 -26.81 34.31 7.28
CA ARG B 19 -26.79 34.21 5.84
C ARG B 19 -25.60 33.36 5.42
N ILE B 20 -25.88 32.24 4.75
CA ILE B 20 -24.83 31.34 4.29
C ILE B 20 -24.78 31.39 2.78
N THR B 21 -23.66 31.85 2.23
CA THR B 21 -23.53 31.97 0.79
C THR B 21 -22.92 30.77 0.11
N CYS B 22 -23.10 30.72 -1.20
CA CYS B 22 -22.62 29.64 -2.03
C CYS B 22 -22.29 30.26 -3.38
N GLY B 23 -21.02 30.20 -3.78
CA GLY B 23 -20.63 30.79 -5.04
C GLY B 23 -20.28 29.78 -6.13
N GLY B 24 -20.70 30.10 -7.35
CA GLY B 24 -20.43 29.24 -8.48
C GLY B 24 -20.63 30.02 -9.77
N ASN B 25 -20.01 29.55 -10.86
CA ASN B 25 -20.13 30.23 -12.15
C ASN B 25 -21.57 30.16 -12.67
N ASN B 26 -22.25 31.30 -12.62
CA ASN B 26 -23.63 31.41 -13.08
C ASN B 26 -24.50 30.35 -12.39
N ILE B 27 -24.23 30.16 -11.10
CA ILE B 27 -24.98 29.21 -10.29
C ILE B 27 -26.45 29.63 -10.35
N GLY B 28 -26.67 30.89 -10.69
CA GLY B 28 -28.02 31.42 -10.79
C GLY B 28 -28.83 30.68 -11.84
N SER B 29 -28.14 30.08 -12.81
CA SER B 29 -28.81 29.33 -13.87
C SER B 29 -29.33 28.00 -13.31
N LYS B 30 -28.49 27.33 -12.53
CA LYS B 30 -28.82 26.04 -11.92
C LYS B 30 -29.90 26.08 -10.83
N SER B 31 -30.35 24.89 -10.44
CA SER B 31 -31.33 24.75 -9.38
C SER B 31 -30.51 24.45 -8.13
N VAL B 32 -30.56 25.36 -7.15
CA VAL B 32 -29.78 25.22 -5.92
C VAL B 32 -30.48 24.50 -4.77
N HIS B 33 -29.78 23.54 -4.18
CA HIS B 33 -30.34 22.78 -3.04
C HIS B 33 -29.47 22.91 -1.80
N TRP B 34 -30.11 23.09 -0.66
CA TRP B 34 -29.41 23.23 0.61
C TRP B 34 -29.73 22.11 1.57
N TYR B 35 -28.67 21.53 2.15
CA TYR B 35 -28.79 20.44 3.09
C TYR B 35 -28.30 20.81 4.49
N GLN B 36 -28.97 20.26 5.49
CA GLN B 36 -28.59 20.49 6.89
C GLN B 36 -28.12 19.16 7.45
N GLN B 37 -26.98 19.16 8.12
CA GLN B 37 -26.45 17.92 8.71
C GLN B 37 -25.84 18.18 10.06
N LYS B 38 -26.45 17.60 11.09
CA LYS B 38 -25.96 17.72 12.45
C LYS B 38 -25.08 16.52 12.75
N PRO B 39 -24.20 16.63 13.77
CA PRO B 39 -23.30 15.54 14.14
C PRO B 39 -23.93 14.15 14.28
N GLY B 40 -23.30 13.17 13.64
CA GLY B 40 -23.76 11.80 13.72
C GLY B 40 -25.03 11.52 12.96
N GLN B 41 -25.61 12.56 12.38
CA GLN B 41 -26.84 12.41 11.63
C GLN B 41 -26.55 12.51 10.15
N ALA B 42 -27.54 12.17 9.32
CA ALA B 42 -27.43 12.22 7.87
C ALA B 42 -27.98 13.56 7.37
N PRO B 43 -27.63 13.95 6.13
CA PRO B 43 -28.11 15.22 5.56
C PRO B 43 -29.61 15.35 5.47
N VAL B 44 -30.10 16.56 5.64
CA VAL B 44 -31.52 16.80 5.52
C VAL B 44 -31.78 17.94 4.56
N LEU B 45 -32.70 17.71 3.63
CA LEU B 45 -33.03 18.73 2.65
C LEU B 45 -33.85 19.80 3.36
N VAL B 46 -33.37 21.03 3.36
CA VAL B 46 -34.12 22.11 4.04
C VAL B 46 -34.68 23.13 3.05
N VAL B 47 -33.95 23.36 1.95
CA VAL B 47 -34.36 24.28 0.90
C VAL B 47 -33.99 23.65 -0.43
N TYR B 48 -34.91 23.68 -1.39
CA TYR B 48 -34.63 23.10 -2.70
C TYR B 48 -35.17 23.92 -3.85
N ASP B 49 -34.53 23.74 -5.01
CA ASP B 49 -34.89 24.46 -6.22
C ASP B 49 -34.87 25.97 -5.94
N ASP B 50 -33.71 26.45 -5.52
CA ASP B 50 -33.49 27.86 -5.22
C ASP B 50 -34.21 28.38 -3.99
N SER B 51 -35.50 28.11 -3.85
CA SER B 51 -36.22 28.63 -2.67
C SER B 51 -37.46 27.87 -2.16
N ASP B 52 -37.58 26.58 -2.42
CA ASP B 52 -38.72 25.83 -1.93
C ASP B 52 -38.40 25.05 -0.65
N ARG B 53 -39.31 25.10 0.31
CA ARG B 53 -39.13 24.43 1.59
C ARG B 53 -39.94 23.15 1.68
N PRO B 54 -39.26 22.00 1.81
CA PRO B 54 -39.99 20.73 1.91
C PRO B 54 -40.83 20.75 3.18
N SER B 55 -41.96 20.04 3.19
CA SER B 55 -42.80 20.01 4.39
C SER B 55 -42.02 19.53 5.61
N GLY B 56 -42.11 20.31 6.69
CA GLY B 56 -41.39 19.97 7.91
C GLY B 56 -40.26 20.96 8.23
N ILE B 57 -39.84 21.74 7.23
CA ILE B 57 -38.79 22.73 7.39
C ILE B 57 -39.39 24.09 7.76
N PRO B 58 -38.94 24.69 8.86
CA PRO B 58 -39.42 26.00 9.35
C PRO B 58 -39.32 27.13 8.32
N GLU B 59 -40.25 28.09 8.41
CA GLU B 59 -40.28 29.23 7.49
C GLU B 59 -39.04 30.11 7.57
N ARG B 60 -38.35 30.04 8.72
CA ARG B 60 -37.14 30.81 8.93
C ARG B 60 -36.12 30.56 7.82
N PHE B 61 -36.14 29.35 7.27
CA PHE B 61 -35.23 28.97 6.21
C PHE B 61 -35.71 29.46 4.85
N SER B 62 -35.09 30.54 4.38
CA SER B 62 -35.43 31.11 3.08
C SER B 62 -34.22 30.97 2.17
N GLY B 63 -34.47 30.79 0.87
CA GLY B 63 -33.36 30.65 -0.06
C GLY B 63 -33.47 31.58 -1.25
N SER B 64 -32.34 31.90 -1.85
CA SER B 64 -32.31 32.76 -3.02
C SER B 64 -31.11 32.44 -3.89
N ASN B 65 -31.20 32.77 -5.16
CA ASN B 65 -30.13 32.54 -6.11
C ASN B 65 -30.22 33.53 -7.25
N SER B 66 -29.08 34.11 -7.59
CA SER B 66 -28.96 35.10 -8.66
C SER B 66 -27.49 35.38 -8.89
N GLY B 67 -27.10 35.44 -10.17
CA GLY B 67 -25.73 35.71 -10.48
C GLY B 67 -24.88 34.49 -10.18
N ASN B 68 -23.68 34.73 -9.65
CA ASN B 68 -22.76 33.64 -9.32
C ASN B 68 -22.78 33.34 -7.83
N THR B 69 -23.83 33.81 -7.16
CA THR B 69 -23.94 33.60 -5.73
C THR B 69 -25.33 33.20 -5.27
N ALA B 70 -25.43 32.01 -4.66
CA ALA B 70 -26.70 31.51 -4.12
C ALA B 70 -26.61 31.74 -2.62
N THR B 71 -27.73 32.07 -1.99
CA THR B 71 -27.69 32.34 -0.56
C THR B 71 -28.81 31.70 0.26
N LEU B 72 -28.39 31.03 1.32
CA LEU B 72 -29.29 30.38 2.27
C LEU B 72 -29.42 31.29 3.48
N THR B 73 -30.64 31.70 3.79
CA THR B 73 -30.86 32.59 4.92
C THR B 73 -31.68 31.93 6.01
N ILE B 74 -31.27 32.12 7.26
CA ILE B 74 -31.98 31.58 8.41
C ILE B 74 -32.26 32.76 9.35
N SER B 75 -33.53 33.10 9.51
CA SER B 75 -33.93 34.21 10.37
C SER B 75 -34.24 33.71 11.77
N ARG B 76 -34.25 34.60 12.74
CA ARG B 76 -34.56 34.22 14.11
C ARG B 76 -33.81 32.94 14.48
N VAL B 77 -32.49 33.02 14.37
CA VAL B 77 -31.60 31.91 14.68
C VAL B 77 -31.97 31.14 15.93
N GLU B 78 -31.95 29.82 15.84
CA GLU B 78 -32.25 28.98 16.99
C GLU B 78 -31.10 28.01 17.24
N ALA B 79 -30.87 27.66 18.50
CA ALA B 79 -29.79 26.73 18.81
C ALA B 79 -29.92 25.49 17.95
N GLY B 80 -31.16 25.06 17.73
CA GLY B 80 -31.39 23.87 16.93
C GLY B 80 -31.01 24.04 15.47
N ASP B 81 -30.64 25.25 15.07
CA ASP B 81 -30.24 25.49 13.68
C ASP B 81 -28.74 25.30 13.53
N GLU B 82 -28.05 25.09 14.64
CA GLU B 82 -26.61 24.89 14.59
C GLU B 82 -26.33 23.58 13.88
N ALA B 83 -25.50 23.65 12.83
CA ALA B 83 -25.15 22.47 12.06
C ALA B 83 -24.34 22.85 10.84
N ASP B 84 -23.95 21.82 10.08
CA ASP B 84 -23.22 22.05 8.85
C ASP B 84 -24.26 22.22 7.76
N TYR B 85 -24.00 23.15 6.84
CA TYR B 85 -24.90 23.42 5.73
C TYR B 85 -24.16 23.35 4.43
N TYR B 86 -24.69 22.54 3.51
CA TYR B 86 -24.09 22.38 2.20
C TYR B 86 -25.05 22.82 1.12
N CYS B 87 -24.52 23.44 0.06
CA CYS B 87 -25.35 23.81 -1.07
C CYS B 87 -25.00 22.77 -2.11
N GLN B 88 -25.91 22.52 -3.04
CA GLN B 88 -25.67 21.52 -4.07
C GLN B 88 -26.46 21.84 -5.33
N VAL B 89 -25.88 21.53 -6.48
CA VAL B 89 -26.56 21.78 -7.75
C VAL B 89 -26.32 20.62 -8.69
N TRP B 90 -27.18 20.46 -9.68
CA TRP B 90 -26.99 19.41 -10.65
C TRP B 90 -26.33 20.10 -11.81
N ASP B 91 -25.22 19.55 -12.27
CA ASP B 91 -24.46 20.12 -13.37
C ASP B 91 -24.27 19.03 -14.41
N SER B 92 -24.96 19.15 -15.54
CA SER B 92 -24.85 18.17 -16.60
C SER B 92 -23.38 17.89 -16.97
N SER B 93 -22.49 18.74 -16.47
CA SER B 93 -21.07 18.62 -16.73
C SER B 93 -20.34 17.93 -15.59
N SER B 94 -20.93 17.98 -14.39
CA SER B 94 -20.32 17.37 -13.21
C SER B 94 -21.30 16.50 -12.43
N ASP B 95 -22.50 16.35 -12.99
CA ASP B 95 -23.56 15.58 -12.36
C ASP B 95 -23.98 16.30 -11.08
N TYR B 96 -23.75 15.69 -9.93
CA TYR B 96 -24.12 16.31 -8.68
C TYR B 96 -22.92 16.91 -7.99
N VAL B 97 -23.02 18.20 -7.66
CA VAL B 97 -21.91 18.88 -6.99
C VAL B 97 -22.34 19.46 -5.66
N PHE B 98 -21.53 19.19 -4.64
CA PHE B 98 -21.77 19.68 -3.29
C PHE B 98 -20.80 20.82 -2.91
N GLY B 99 -21.33 21.84 -2.25
CA GLY B 99 -20.50 22.94 -1.79
C GLY B 99 -19.50 22.43 -0.76
N THR B 100 -18.53 23.27 -0.40
CA THR B 100 -17.53 22.85 0.57
C THR B 100 -18.11 22.72 1.97
N GLY B 101 -19.25 23.38 2.19
CA GLY B 101 -19.90 23.32 3.49
C GLY B 101 -19.58 24.50 4.40
N THR B 102 -20.52 24.82 5.29
CA THR B 102 -20.35 25.91 6.24
C THR B 102 -20.87 25.51 7.61
N LYS B 103 -20.03 25.55 8.64
CA LYS B 103 -20.53 25.20 9.95
C LYS B 103 -21.17 26.44 10.54
N VAL B 104 -22.41 26.32 10.98
CA VAL B 104 -23.10 27.45 11.55
C VAL B 104 -23.15 27.36 13.06
N THR B 105 -22.42 28.26 13.69
CA THR B 105 -22.34 28.32 15.14
C THR B 105 -23.32 29.34 15.71
N VAL B 106 -24.29 28.85 16.48
CA VAL B 106 -25.26 29.71 17.14
C VAL B 106 -24.66 30.08 18.49
N LEU B 107 -24.09 31.29 18.56
CA LEU B 107 -23.44 31.78 19.77
C LEU B 107 -24.40 32.14 20.90
N GLY B 108 -25.01 31.11 21.49
CA GLY B 108 -25.94 31.32 22.58
C GLY B 108 -25.33 30.94 23.92
N GLN B 109 -24.09 31.39 24.13
CA GLN B 109 -23.37 31.05 25.34
C GLN B 109 -22.10 31.89 25.36
N PRO B 110 -21.73 32.40 26.52
CA PRO B 110 -20.52 33.23 26.64
C PRO B 110 -19.25 32.45 26.32
N LYS B 111 -18.18 33.17 26.05
CA LYS B 111 -16.91 32.56 25.75
C LYS B 111 -16.46 31.81 26.99
N ALA B 112 -15.92 30.62 26.80
CA ALA B 112 -15.45 29.80 27.92
C ALA B 112 -13.99 29.45 27.73
N ASN B 113 -13.17 29.78 28.71
CA ASN B 113 -11.74 29.48 28.69
C ASN B 113 -11.53 27.99 28.97
N PRO B 114 -10.60 27.37 28.25
CA PRO B 114 -10.32 25.95 28.44
C PRO B 114 -9.57 25.56 29.70
N THR B 115 -10.01 24.46 30.31
CA THR B 115 -9.33 23.90 31.45
C THR B 115 -8.46 22.82 30.79
N VAL B 116 -7.23 22.71 31.29
CA VAL B 116 -6.27 21.79 30.74
C VAL B 116 -5.64 20.90 31.81
N THR B 117 -5.70 19.59 31.58
CA THR B 117 -5.13 18.59 32.50
C THR B 117 -4.13 17.71 31.71
N LEU B 118 -2.89 17.69 32.18
CA LEU B 118 -1.86 16.92 31.52
C LEU B 118 -1.40 15.77 32.38
N PHE B 119 -1.67 14.56 31.92
CA PHE B 119 -1.29 13.35 32.65
C PHE B 119 0.04 12.78 32.20
N PRO B 120 0.92 12.45 33.15
CA PRO B 120 2.21 11.88 32.73
C PRO B 120 1.89 10.42 32.40
N PRO B 121 2.81 9.73 31.71
CA PRO B 121 2.61 8.33 31.34
C PRO B 121 2.57 7.47 32.60
N SER B 122 1.75 6.43 32.61
CA SER B 122 1.71 5.54 33.77
C SER B 122 2.80 4.49 33.49
N SER B 123 3.56 4.11 34.52
CA SER B 123 4.65 3.15 34.34
C SER B 123 4.19 1.87 33.65
N GLU B 124 2.98 1.45 33.97
CA GLU B 124 2.38 0.27 33.38
C GLU B 124 2.60 0.21 31.88
N GLU B 125 2.39 1.33 31.21
CA GLU B 125 2.56 1.38 29.76
C GLU B 125 3.97 1.03 29.34
N PHE B 126 4.97 1.41 30.15
CA PHE B 126 6.35 1.11 29.81
C PHE B 126 6.56 -0.37 29.52
N GLN B 127 5.75 -1.22 30.15
CA GLN B 127 5.87 -2.65 29.94
C GLN B 127 5.52 -3.07 28.51
N ALA B 128 5.04 -2.11 27.73
CA ALA B 128 4.68 -2.35 26.33
C ALA B 128 5.58 -1.44 25.48
N ASN B 129 6.67 -0.98 26.10
CA ASN B 129 7.66 -0.11 25.45
C ASN B 129 7.09 1.27 25.11
N LYS B 130 5.83 1.49 25.47
CA LYS B 130 5.19 2.77 25.18
C LYS B 130 5.22 3.73 26.36
N ALA B 131 5.02 5.01 26.06
CA ALA B 131 4.98 6.06 27.06
C ALA B 131 4.17 7.20 26.46
N THR B 132 2.87 7.20 26.71
CA THR B 132 1.95 8.21 26.16
C THR B 132 1.57 9.30 27.18
N LEU B 133 1.63 10.55 26.75
CA LEU B 133 1.25 11.68 27.60
C LEU B 133 -0.12 12.06 27.07
N VAL B 134 -1.05 12.35 27.97
CA VAL B 134 -2.42 12.68 27.58
C VAL B 134 -2.81 14.06 28.07
N CYS B 135 -3.24 14.88 27.12
CA CYS B 135 -3.63 16.24 27.41
C CYS B 135 -5.11 16.41 27.13
N LEU B 136 -5.88 16.58 28.19
CA LEU B 136 -7.30 16.75 28.06
C LEU B 136 -7.72 18.19 28.29
N ILE B 137 -8.32 18.77 27.25
CA ILE B 137 -8.76 20.15 27.26
C ILE B 137 -10.27 20.14 27.42
N SER B 138 -10.81 20.90 28.35
CA SER B 138 -12.26 20.86 28.52
C SER B 138 -12.91 22.18 28.94
N ASP B 139 -14.24 22.19 28.87
CA ASP B 139 -15.04 23.35 29.26
C ASP B 139 -14.78 24.62 28.47
N PHE B 140 -14.55 24.50 27.18
CA PHE B 140 -14.30 25.71 26.41
C PHE B 140 -15.37 25.98 25.39
N TYR B 141 -15.46 27.26 24.99
CA TYR B 141 -16.43 27.69 24.01
C TYR B 141 -16.05 29.04 23.39
N PRO B 142 -16.19 29.17 22.06
CA PRO B 142 -16.66 28.12 21.14
C PRO B 142 -15.69 26.95 21.00
N GLY B 143 -16.06 25.97 20.18
CA GLY B 143 -15.23 24.80 20.01
C GLY B 143 -14.11 24.81 18.99
N ALA B 144 -13.04 25.54 19.30
CA ALA B 144 -11.91 25.61 18.38
C ALA B 144 -10.64 25.94 19.15
N VAL B 145 -9.65 25.08 19.02
CA VAL B 145 -8.39 25.29 19.71
C VAL B 145 -7.25 24.74 18.85
N THR B 146 -6.02 25.02 19.26
CA THR B 146 -4.84 24.52 18.60
C THR B 146 -3.93 24.06 19.71
N VAL B 147 -3.50 22.80 19.64
CA VAL B 147 -2.65 22.25 20.67
C VAL B 147 -1.23 22.16 20.18
N ALA B 148 -0.29 22.30 21.09
CA ALA B 148 1.13 22.24 20.76
C ALA B 148 1.91 21.63 21.92
N TRP B 149 2.77 20.67 21.62
CA TRP B 149 3.57 20.03 22.65
C TRP B 149 5.02 20.51 22.64
N LYS B 150 5.67 20.44 23.80
CA LYS B 150 7.07 20.84 23.93
C LYS B 150 7.81 19.81 24.79
N ALA B 151 9.13 19.76 24.65
CA ALA B 151 9.98 18.86 25.41
C ALA B 151 11.16 19.70 25.91
N ASP B 152 11.23 19.91 27.23
CA ASP B 152 12.28 20.73 27.80
C ASP B 152 12.22 22.15 27.24
N GLY B 153 11.05 22.52 26.72
CA GLY B 153 10.89 23.86 26.17
C GLY B 153 10.80 23.97 24.65
N SER B 154 11.44 23.06 23.93
CA SER B 154 11.39 23.10 22.47
C SER B 154 10.21 22.30 21.93
N PRO B 155 9.62 22.74 20.80
CA PRO B 155 8.49 22.10 20.15
C PRO B 155 8.71 20.63 19.86
N VAL B 156 7.62 19.90 19.68
CA VAL B 156 7.68 18.47 19.40
C VAL B 156 7.01 18.22 18.06
N LYS B 157 7.70 17.49 17.19
CA LYS B 157 7.19 17.20 15.87
C LYS B 157 6.45 15.86 15.83
N ALA B 158 7.22 14.80 16.05
CA ALA B 158 6.70 13.45 16.00
C ALA B 158 5.91 12.99 17.24
N GLY B 159 4.96 12.08 17.00
CA GLY B 159 4.17 11.49 18.07
C GLY B 159 2.88 12.13 18.53
N VAL B 160 2.45 13.19 17.88
CA VAL B 160 1.24 13.87 18.32
C VAL B 160 -0.03 13.46 17.58
N GLU B 161 -1.13 13.42 18.33
CA GLU B 161 -2.42 13.06 17.75
C GLU B 161 -3.48 13.82 18.54
N THR B 162 -4.29 14.60 17.83
CA THR B 162 -5.32 15.42 18.47
C THR B 162 -6.71 15.22 17.87
N THR B 163 -7.71 15.10 18.74
CA THR B 163 -9.09 14.92 18.29
C THR B 163 -9.77 16.27 18.09
N LYS B 164 -10.68 16.35 17.13
CA LYS B 164 -11.37 17.60 16.92
C LYS B 164 -12.30 17.79 18.10
N PRO B 165 -12.42 19.04 18.57
CA PRO B 165 -13.32 19.25 19.72
C PRO B 165 -14.78 18.85 19.46
N SER B 166 -15.42 18.28 20.48
CA SER B 166 -16.83 17.91 20.39
C SER B 166 -17.49 18.28 21.71
N LYS B 167 -18.82 18.39 21.68
CA LYS B 167 -19.58 18.79 22.86
C LYS B 167 -19.59 17.87 24.08
N GLN B 168 -19.50 18.48 25.25
CA GLN B 168 -19.54 17.76 26.50
C GLN B 168 -21.01 17.71 26.84
N SER B 169 -21.36 16.98 27.89
CA SER B 169 -22.77 16.85 28.30
C SER B 169 -23.34 18.20 28.73
N ASN B 170 -22.44 19.12 29.12
CA ASN B 170 -22.84 20.45 29.58
C ASN B 170 -22.87 21.52 28.48
N ASN B 171 -22.90 21.08 27.23
CA ASN B 171 -22.94 21.98 26.09
C ASN B 171 -21.70 22.82 25.82
N LYS B 172 -20.62 22.51 26.51
CA LYS B 172 -19.35 23.18 26.27
C LYS B 172 -18.53 22.16 25.49
N TYR B 173 -17.33 22.53 25.07
CA TYR B 173 -16.48 21.63 24.30
C TYR B 173 -15.32 21.01 25.06
N ALA B 174 -14.79 19.94 24.50
CA ALA B 174 -13.65 19.24 25.07
C ALA B 174 -12.81 18.67 23.92
N ALA B 175 -11.51 18.56 24.17
CA ALA B 175 -10.59 18.02 23.18
C ALA B 175 -9.51 17.24 23.91
N SER B 176 -8.85 16.36 23.18
CA SER B 176 -7.79 15.51 23.72
C SER B 176 -6.59 15.50 22.77
N SER B 177 -5.40 15.39 23.32
CA SER B 177 -4.20 15.35 22.50
C SER B 177 -3.22 14.37 23.13
N TYR B 178 -2.53 13.66 22.27
CA TYR B 178 -1.56 12.65 22.73
C TYR B 178 -0.17 12.86 22.18
N LEU B 179 0.82 12.52 23.00
CA LEU B 179 2.21 12.64 22.61
C LEU B 179 2.78 11.25 22.86
N SER B 180 2.95 10.47 21.80
CA SER B 180 3.49 9.11 21.92
C SER B 180 5.00 9.06 21.80
N LEU B 181 5.62 8.28 22.68
CA LEU B 181 7.08 8.13 22.65
C LEU B 181 7.54 6.88 23.43
N THR B 182 8.85 6.74 23.62
CA THR B 182 9.41 5.59 24.34
C THR B 182 9.65 5.98 25.77
N PRO B 183 9.82 4.98 26.66
CA PRO B 183 10.06 5.25 28.07
C PRO B 183 11.41 5.93 28.27
N GLU B 184 12.32 5.70 27.35
CA GLU B 184 13.65 6.30 27.41
C GLU B 184 13.54 7.81 27.23
N GLN B 185 12.93 8.24 26.12
CA GLN B 185 12.75 9.66 25.83
C GLN B 185 12.04 10.34 26.99
N TRP B 186 10.89 9.79 27.38
CA TRP B 186 10.14 10.33 28.50
C TRP B 186 11.05 10.64 29.70
N LYS B 187 11.80 9.64 30.14
CA LYS B 187 12.70 9.78 31.28
C LYS B 187 13.98 10.59 30.99
N SER B 188 14.26 10.84 29.72
CA SER B 188 15.46 11.58 29.36
C SER B 188 15.31 13.09 29.33
N HIS B 189 14.09 13.59 29.47
CA HIS B 189 13.88 15.04 29.46
C HIS B 189 13.53 15.56 30.86
N ARG B 190 13.80 16.83 31.10
CA ARG B 190 13.49 17.45 32.39
C ARG B 190 11.99 17.57 32.53
N SER B 191 11.32 17.86 31.41
CA SER B 191 9.87 17.99 31.44
C SER B 191 9.28 18.14 30.07
N TYR B 192 7.96 17.99 30.01
CA TYR B 192 7.19 18.12 28.78
C TYR B 192 6.02 19.07 29.03
N SER B 193 5.52 19.69 27.96
CA SER B 193 4.42 20.62 28.10
C SER B 193 3.36 20.57 27.01
N CYS B 194 2.11 20.80 27.42
CA CYS B 194 0.97 20.83 26.51
C CYS B 194 0.42 22.27 26.48
N GLN B 195 0.48 22.90 25.31
CA GLN B 195 0.00 24.26 25.13
C GLN B 195 -1.30 24.34 24.37
N VAL B 196 -2.33 24.92 24.99
CA VAL B 196 -3.61 25.05 24.31
C VAL B 196 -3.90 26.52 24.04
N THR B 197 -4.17 26.82 22.78
CA THR B 197 -4.50 28.17 22.36
C THR B 197 -5.99 28.24 22.02
N HIS B 198 -6.69 29.19 22.65
CA HIS B 198 -8.11 29.35 22.44
C HIS B 198 -8.52 30.83 22.46
N GLU B 199 -9.31 31.22 21.46
CA GLU B 199 -9.78 32.58 21.30
C GLU B 199 -8.70 33.61 21.60
N GLY B 200 -7.53 33.41 21.03
CA GLY B 200 -6.42 34.32 21.25
C GLY B 200 -5.61 34.11 22.53
N SER B 201 -6.09 33.29 23.44
CA SER B 201 -5.38 33.06 24.68
C SER B 201 -4.68 31.70 24.77
N THR B 202 -3.65 31.63 25.59
CA THR B 202 -2.90 30.40 25.73
C THR B 202 -2.75 29.84 27.13
N VAL B 203 -3.06 28.55 27.29
CA VAL B 203 -2.90 27.88 28.58
C VAL B 203 -1.91 26.75 28.39
N GLU B 204 -0.93 26.66 29.28
CA GLU B 204 0.09 25.62 29.20
C GLU B 204 0.30 24.90 30.51
N LYS B 205 0.32 23.57 30.42
CA LYS B 205 0.51 22.69 31.58
C LYS B 205 1.78 21.90 31.36
N THR B 206 2.47 21.59 32.44
CA THR B 206 3.75 20.89 32.37
C THR B 206 3.89 19.71 33.34
N VAL B 207 4.61 18.68 32.91
CA VAL B 207 4.89 17.54 33.77
C VAL B 207 6.35 17.17 33.61
N ALA B 208 6.90 16.55 34.65
CA ALA B 208 8.30 16.14 34.64
C ALA B 208 8.44 14.72 35.19
N PRO B 209 9.30 13.91 34.56
CA PRO B 209 9.52 12.52 35.00
C PRO B 209 9.98 12.48 36.45
N THR B 210 10.28 13.66 36.99
CA THR B 210 10.76 13.81 38.35
C THR B 210 9.67 13.85 39.42
N GLU B 211 8.85 14.89 39.39
CA GLU B 211 7.79 15.06 40.39
C GLU B 211 6.71 13.98 40.32
N VAL C 2 1.92 -32.94 -26.18
CA VAL C 2 1.29 -31.73 -26.80
C VAL C 2 2.03 -30.49 -26.27
N GLN C 3 1.37 -29.33 -26.28
CA GLN C 3 2.00 -28.08 -25.79
C GLN C 3 0.98 -27.14 -25.15
N LEU C 4 1.44 -26.30 -24.23
CA LEU C 4 0.57 -25.35 -23.56
C LEU C 4 0.96 -23.93 -23.97
N GLN C 5 0.01 -23.16 -24.47
CA GLN C 5 0.29 -21.80 -24.89
C GLN C 5 -0.29 -20.81 -23.91
N GLN C 6 0.56 -19.98 -23.33
CA GLN C 6 0.07 -19.00 -22.36
C GLN C 6 -0.13 -17.62 -22.95
N SER C 7 -0.87 -16.80 -22.23
CA SER C 7 -1.14 -15.43 -22.64
C SER C 7 0.09 -14.54 -22.41
N GLY C 8 0.07 -13.34 -22.99
CA GLY C 8 1.18 -12.40 -22.87
C GLY C 8 1.35 -11.68 -21.54
N ALA C 9 2.46 -10.96 -21.41
CA ALA C 9 2.80 -10.22 -20.19
C ALA C 9 1.74 -9.23 -19.73
N GLU C 10 1.60 -9.11 -18.42
CA GLU C 10 0.61 -8.22 -17.83
C GLU C 10 1.26 -7.22 -16.90
N VAL C 11 0.83 -5.97 -16.97
CA VAL C 11 1.34 -4.92 -16.10
C VAL C 11 0.15 -4.42 -15.30
N LYS C 12 0.19 -4.60 -13.99
CA LYS C 12 -0.96 -4.21 -13.18
C LYS C 12 -0.66 -3.35 -11.98
N LYS C 13 -1.64 -2.50 -11.65
CA LYS C 13 -1.55 -1.61 -10.49
C LYS C 13 -2.01 -2.41 -9.28
N PRO C 14 -1.42 -2.16 -8.10
CA PRO C 14 -1.83 -2.90 -6.90
C PRO C 14 -3.33 -2.75 -6.63
N GLY C 15 -3.93 -3.80 -6.09
CA GLY C 15 -5.35 -3.75 -5.79
C GLY C 15 -6.23 -4.30 -6.89
N SER C 16 -5.77 -4.20 -8.13
CA SER C 16 -6.57 -4.73 -9.23
C SER C 16 -6.39 -6.24 -9.27
N SER C 17 -6.79 -6.86 -10.37
CA SER C 17 -6.66 -8.30 -10.50
C SER C 17 -6.18 -8.65 -11.91
N VAL C 18 -5.68 -9.85 -12.08
CA VAL C 18 -5.21 -10.27 -13.40
C VAL C 18 -5.74 -11.64 -13.70
N LYS C 19 -5.89 -11.95 -14.99
CA LYS C 19 -6.40 -13.26 -15.40
C LYS C 19 -5.58 -13.75 -16.57
N VAL C 20 -4.87 -14.87 -16.36
CA VAL C 20 -4.00 -15.48 -17.36
C VAL C 20 -4.61 -16.69 -18.06
N SER C 21 -4.21 -16.95 -19.31
CA SER C 21 -4.75 -18.08 -20.06
C SER C 21 -3.75 -19.16 -20.47
N CYS C 22 -4.22 -20.39 -20.47
CA CYS C 22 -3.42 -21.57 -20.82
C CYS C 22 -4.20 -22.39 -21.84
N LYS C 23 -3.75 -22.35 -23.09
CA LYS C 23 -4.41 -23.10 -24.16
C LYS C 23 -3.72 -24.43 -24.45
N ALA C 24 -4.52 -25.48 -24.52
CA ALA C 24 -4.01 -26.80 -24.84
C ALA C 24 -3.72 -26.75 -26.33
N SER C 25 -2.60 -27.31 -26.75
CA SER C 25 -2.24 -27.28 -28.16
C SER C 25 -3.18 -28.14 -28.99
N GLY C 26 -3.51 -29.31 -28.46
CA GLY C 26 -4.39 -30.22 -29.18
C GLY C 26 -5.83 -29.79 -29.31
N GLY C 27 -6.22 -28.75 -28.58
CA GLY C 27 -7.59 -28.27 -28.67
C GLY C 27 -8.42 -28.53 -27.43
N THR C 28 -7.94 -29.42 -26.55
CA THR C 28 -8.64 -29.73 -25.32
C THR C 28 -7.64 -30.24 -24.29
N PHE C 29 -8.06 -30.33 -23.04
CA PHE C 29 -7.18 -30.82 -22.00
C PHE C 29 -7.50 -32.27 -21.70
N SER C 30 -8.44 -32.83 -22.44
CA SER C 30 -8.86 -34.22 -22.26
C SER C 30 -9.16 -34.50 -20.79
N SER C 31 -8.66 -35.61 -20.29
CA SER C 31 -8.88 -35.97 -18.89
C SER C 31 -7.74 -35.53 -17.96
N TYR C 32 -6.88 -34.62 -18.44
CA TYR C 32 -5.76 -34.18 -17.62
C TYR C 32 -6.13 -33.13 -16.58
N THR C 33 -5.25 -32.98 -15.60
CA THR C 33 -5.43 -31.97 -14.59
C THR C 33 -4.30 -30.97 -14.83
N ILE C 34 -4.66 -29.69 -14.95
CA ILE C 34 -3.71 -28.62 -15.20
C ILE C 34 -3.44 -27.80 -13.93
N SER C 35 -2.16 -27.58 -13.63
CA SER C 35 -1.76 -26.81 -12.46
C SER C 35 -1.20 -25.45 -12.85
N TRP C 36 -1.29 -24.50 -11.93
CA TRP C 36 -0.74 -23.17 -12.13
C TRP C 36 0.36 -22.97 -11.09
N VAL C 37 1.61 -22.87 -11.54
CA VAL C 37 2.74 -22.66 -10.64
C VAL C 37 3.33 -21.31 -10.95
N ARG C 38 3.87 -20.65 -9.93
CA ARG C 38 4.43 -19.35 -10.18
C ARG C 38 5.85 -19.24 -9.63
N GLN C 39 6.57 -18.26 -10.12
CA GLN C 39 7.96 -18.04 -9.74
C GLN C 39 8.29 -16.55 -9.74
N ALA C 40 8.66 -16.05 -8.57
CA ALA C 40 9.04 -14.65 -8.43
C ALA C 40 10.49 -14.52 -8.86
N PRO C 41 10.94 -13.29 -9.17
CA PRO C 41 12.31 -12.99 -9.61
C PRO C 41 13.38 -13.58 -8.69
N GLY C 42 14.19 -14.50 -9.23
CA GLY C 42 15.24 -15.14 -8.46
C GLY C 42 14.74 -16.08 -7.37
N GLN C 43 13.44 -16.37 -7.40
CA GLN C 43 12.81 -17.23 -6.42
C GLN C 43 12.58 -18.65 -6.93
N GLY C 44 12.12 -19.53 -6.03
CA GLY C 44 11.81 -20.90 -6.39
C GLY C 44 10.45 -21.02 -7.04
N LEU C 45 9.98 -22.26 -7.17
CA LEU C 45 8.69 -22.55 -7.79
C LEU C 45 7.63 -22.76 -6.72
N GLU C 46 6.50 -22.08 -6.88
CA GLU C 46 5.42 -22.23 -5.92
C GLU C 46 4.11 -22.65 -6.56
N TRP C 47 3.58 -23.80 -6.12
CA TRP C 47 2.30 -24.31 -6.64
C TRP C 47 1.16 -23.42 -6.14
N MET C 48 0.26 -23.01 -7.03
CA MET C 48 -0.87 -22.15 -6.66
C MET C 48 -2.21 -22.87 -6.60
N GLY C 49 -2.40 -23.85 -7.47
CA GLY C 49 -3.65 -24.58 -7.49
C GLY C 49 -3.71 -25.40 -8.75
N GLY C 50 -4.92 -25.80 -9.11
CA GLY C 50 -5.09 -26.59 -10.31
C GLY C 50 -6.55 -26.86 -10.60
N ILE C 51 -6.80 -27.33 -11.83
CA ILE C 51 -8.13 -27.66 -12.29
C ILE C 51 -8.07 -28.86 -13.25
N THR C 52 -9.16 -29.63 -13.28
CA THR C 52 -9.31 -30.79 -14.17
C THR C 52 -10.55 -30.42 -14.98
N PRO C 53 -10.34 -29.79 -16.14
CA PRO C 53 -11.39 -29.32 -17.05
C PRO C 53 -12.51 -30.30 -17.41
N ILE C 54 -12.21 -31.59 -17.42
CA ILE C 54 -13.24 -32.57 -17.78
C ILE C 54 -14.15 -32.91 -16.61
N LEU C 55 -13.87 -32.33 -15.46
CA LEU C 55 -14.66 -32.57 -14.25
C LEU C 55 -15.12 -31.26 -13.61
N GLY C 56 -14.66 -30.14 -14.14
CA GLY C 56 -15.05 -28.85 -13.59
C GLY C 56 -14.73 -28.70 -12.12
N ILE C 57 -13.69 -29.41 -11.66
CA ILE C 57 -13.25 -29.38 -10.27
C ILE C 57 -11.90 -28.67 -10.16
N ALA C 58 -11.72 -27.86 -9.13
CA ALA C 58 -10.47 -27.14 -8.95
C ALA C 58 -9.99 -27.11 -7.50
N ASN C 59 -8.67 -27.17 -7.31
CA ASN C 59 -8.07 -27.11 -5.98
C ASN C 59 -7.35 -25.76 -5.87
N TYR C 60 -6.92 -25.43 -4.66
CA TYR C 60 -6.21 -24.18 -4.42
C TYR C 60 -5.27 -24.38 -3.25
N ALA C 61 -4.18 -23.62 -3.24
CA ALA C 61 -3.24 -23.71 -2.14
C ALA C 61 -3.74 -22.79 -1.05
N GLN C 62 -3.59 -23.23 0.20
CA GLN C 62 -4.02 -22.46 1.36
C GLN C 62 -3.69 -20.98 1.19
N LYS C 63 -2.43 -20.72 0.89
CA LYS C 63 -1.88 -19.38 0.70
C LYS C 63 -2.61 -18.45 -0.28
N PHE C 64 -3.34 -19.00 -1.24
CA PHE C 64 -4.04 -18.16 -2.21
C PHE C 64 -5.55 -18.32 -2.11
N GLN C 65 -5.98 -19.35 -1.40
CA GLN C 65 -7.39 -19.60 -1.18
C GLN C 65 -8.01 -18.23 -0.88
N GLY C 66 -8.94 -17.80 -1.72
CA GLY C 66 -9.58 -16.52 -1.49
C GLY C 66 -9.22 -15.45 -2.51
N ARG C 67 -8.02 -15.53 -3.08
CA ARG C 67 -7.60 -14.54 -4.07
C ARG C 67 -7.49 -15.11 -5.47
N VAL C 68 -7.49 -16.44 -5.57
CA VAL C 68 -7.37 -17.10 -6.85
C VAL C 68 -8.65 -17.77 -7.32
N THR C 69 -8.76 -17.93 -8.63
CA THR C 69 -9.90 -18.57 -9.26
C THR C 69 -9.43 -19.20 -10.57
N ILE C 70 -9.39 -20.52 -10.60
CA ILE C 70 -8.96 -21.24 -11.78
C ILE C 70 -10.18 -21.81 -12.49
N THR C 71 -10.51 -21.23 -13.64
CA THR C 71 -11.65 -21.65 -14.43
C THR C 71 -11.24 -22.17 -15.81
N THR C 72 -12.26 -22.50 -16.61
CA THR C 72 -12.05 -23.03 -17.96
C THR C 72 -13.23 -22.58 -18.80
N ASP C 73 -13.05 -22.54 -20.11
CA ASP C 73 -14.13 -22.12 -20.99
C ASP C 73 -14.99 -23.31 -21.36
N GLU C 74 -16.11 -23.04 -22.02
CA GLU C 74 -17.03 -24.08 -22.46
C GLU C 74 -16.31 -25.27 -23.08
N SER C 75 -15.56 -25.02 -24.16
CA SER C 75 -14.86 -26.08 -24.87
C SER C 75 -13.79 -26.77 -24.05
N THR C 76 -13.55 -26.29 -22.84
CA THR C 76 -12.55 -26.90 -21.97
C THR C 76 -11.20 -26.91 -22.71
N SER C 77 -11.05 -26.00 -23.66
CA SER C 77 -9.83 -25.90 -24.45
C SER C 77 -8.88 -24.86 -23.89
N THR C 78 -9.25 -24.25 -22.77
CA THR C 78 -8.42 -23.21 -22.15
C THR C 78 -8.65 -23.09 -20.65
N ALA C 79 -7.55 -23.04 -19.89
CA ALA C 79 -7.62 -22.91 -18.46
C ALA C 79 -7.24 -21.47 -18.10
N TYR C 80 -7.97 -20.87 -17.16
CA TYR C 80 -7.68 -19.50 -16.76
C TYR C 80 -7.31 -19.40 -15.29
N MET C 81 -6.39 -18.48 -14.99
CA MET C 81 -5.95 -18.27 -13.64
C MET C 81 -6.14 -16.79 -13.34
N GLU C 82 -6.97 -16.47 -12.34
CA GLU C 82 -7.22 -15.07 -12.00
C GLU C 82 -6.83 -14.76 -10.56
N LEU C 83 -5.82 -13.90 -10.41
CA LEU C 83 -5.35 -13.49 -9.09
C LEU C 83 -5.92 -12.11 -8.77
N SER C 84 -6.49 -11.95 -7.58
CA SER C 84 -7.10 -10.68 -7.17
C SER C 84 -6.31 -9.93 -6.11
N SER C 85 -6.66 -8.67 -5.92
CA SER C 85 -6.00 -7.82 -4.92
C SER C 85 -4.50 -7.98 -5.07
N LEU C 86 -4.00 -7.71 -6.27
CA LEU C 86 -2.58 -7.82 -6.57
C LEU C 86 -1.66 -7.00 -5.68
N ARG C 87 -0.55 -7.61 -5.31
CA ARG C 87 0.45 -6.97 -4.47
C ARG C 87 1.79 -6.99 -5.19
N SER C 88 2.68 -6.08 -4.80
CA SER C 88 3.99 -6.02 -5.41
C SER C 88 4.55 -7.43 -5.36
N GLU C 89 4.23 -8.14 -4.28
CA GLU C 89 4.71 -9.52 -4.08
C GLU C 89 4.13 -10.53 -5.07
N ASP C 90 3.14 -10.15 -5.85
CA ASP C 90 2.58 -11.08 -6.82
C ASP C 90 3.35 -10.97 -8.14
N THR C 91 4.30 -10.05 -8.19
CA THR C 91 5.12 -9.88 -9.39
C THR C 91 5.94 -11.16 -9.59
N ALA C 92 5.66 -11.86 -10.68
CA ALA C 92 6.36 -13.10 -10.96
C ALA C 92 5.96 -13.62 -12.32
N VAL C 93 6.53 -14.76 -12.67
CA VAL C 93 6.18 -15.41 -13.91
C VAL C 93 5.18 -16.50 -13.55
N TYR C 94 4.05 -16.53 -14.24
CA TYR C 94 3.05 -17.55 -13.97
C TYR C 94 2.99 -18.64 -15.07
N TYR C 95 3.21 -19.88 -14.68
CA TYR C 95 3.19 -21.01 -15.60
C TYR C 95 1.94 -21.87 -15.42
N CYS C 96 1.72 -22.76 -16.38
CA CYS C 96 0.64 -23.72 -16.28
C CYS C 96 1.32 -25.01 -16.67
N ALA C 97 0.84 -26.13 -16.16
CA ALA C 97 1.50 -27.38 -16.49
C ALA C 97 0.55 -28.55 -16.35
N ARG C 98 0.84 -29.62 -17.09
CA ARG C 98 0.03 -30.82 -17.08
C ARG C 98 0.50 -31.74 -15.97
N ASP C 99 -0.41 -32.14 -15.08
CA ASP C 99 -0.01 -33.02 -13.99
C ASP C 99 0.22 -34.42 -14.48
N THR C 100 1.03 -35.14 -13.71
CA THR C 100 1.39 -36.53 -13.95
C THR C 100 0.51 -37.39 -13.05
N VAL C 101 0.43 -38.69 -13.35
CA VAL C 101 -0.38 -39.59 -12.53
C VAL C 101 0.23 -39.74 -11.14
N MET C 102 1.56 -39.80 -11.08
CA MET C 102 2.28 -39.97 -9.82
C MET C 102 2.53 -38.70 -9.00
N GLY C 103 2.18 -37.54 -9.55
CA GLY C 103 2.38 -36.30 -8.81
C GLY C 103 3.32 -35.26 -9.40
N GLY C 104 3.85 -35.50 -10.58
CA GLY C 104 4.75 -34.53 -11.19
C GLY C 104 4.07 -33.72 -12.28
N MET C 105 4.86 -32.96 -13.03
CA MET C 105 4.36 -32.12 -14.11
C MET C 105 5.28 -32.25 -15.32
N ASP C 106 4.83 -32.94 -16.36
CA ASP C 106 5.61 -33.17 -17.57
C ASP C 106 5.61 -32.04 -18.60
N VAL C 107 4.46 -31.42 -18.83
CA VAL C 107 4.37 -30.34 -19.80
C VAL C 107 4.11 -28.99 -19.15
N TRP C 108 4.94 -28.02 -19.50
CA TRP C 108 4.81 -26.67 -18.98
C TRP C 108 4.61 -25.65 -20.10
N GLY C 109 4.00 -24.51 -19.76
CA GLY C 109 3.81 -23.46 -20.75
C GLY C 109 5.08 -22.62 -20.76
N GLN C 110 5.12 -21.61 -21.61
CA GLN C 110 6.29 -20.73 -21.72
C GLN C 110 6.28 -19.77 -20.54
N GLY C 111 5.11 -19.65 -19.90
CA GLY C 111 4.97 -18.76 -18.78
C GLY C 111 4.45 -17.38 -19.16
N THR C 112 3.85 -16.69 -18.19
CA THR C 112 3.34 -15.36 -18.42
C THR C 112 3.91 -14.45 -17.33
N THR C 113 4.50 -13.34 -17.73
CA THR C 113 5.05 -12.40 -16.78
C THR C 113 3.97 -11.41 -16.36
N VAL C 114 3.84 -11.23 -15.05
CA VAL C 114 2.86 -10.28 -14.56
C VAL C 114 3.62 -9.41 -13.60
N THR C 115 3.71 -8.12 -13.92
CA THR C 115 4.40 -7.18 -13.07
C THR C 115 3.38 -6.30 -12.34
N VAL C 116 3.54 -6.17 -11.02
CA VAL C 116 2.63 -5.37 -10.21
C VAL C 116 3.39 -4.16 -9.65
N SER C 117 3.05 -2.98 -10.17
CA SER C 117 3.69 -1.75 -9.74
C SER C 117 2.68 -0.61 -9.63
N SER C 118 2.92 0.31 -8.71
CA SER C 118 2.01 1.45 -8.57
C SER C 118 2.43 2.54 -9.56
N ALA C 119 3.44 2.25 -10.38
CA ALA C 119 3.95 3.22 -11.35
C ALA C 119 3.22 3.14 -12.69
N SER C 120 3.31 4.23 -13.43
CA SER C 120 2.69 4.35 -14.76
C SER C 120 3.79 4.41 -15.82
N THR C 121 3.47 4.03 -17.05
CA THR C 121 4.43 4.00 -18.14
C THR C 121 5.30 5.26 -18.32
N LYS C 122 6.62 5.06 -18.32
CA LYS C 122 7.57 6.17 -18.47
C LYS C 122 8.77 5.93 -19.38
N GLY C 123 8.85 6.70 -20.46
CA GLY C 123 9.96 6.55 -21.37
C GLY C 123 11.25 6.77 -20.61
N PRO C 124 12.39 6.24 -21.11
CA PRO C 124 13.70 6.37 -20.46
C PRO C 124 14.50 7.64 -20.68
N SER C 125 15.30 8.00 -19.67
CA SER C 125 16.23 9.10 -19.79
C SER C 125 17.55 8.41 -20.02
N VAL C 126 18.28 8.82 -21.03
CA VAL C 126 19.53 8.17 -21.32
C VAL C 126 20.74 9.05 -21.11
N PHE C 127 21.59 8.64 -20.17
CA PHE C 127 22.78 9.41 -19.85
C PHE C 127 24.00 8.66 -20.32
N PRO C 128 25.09 9.38 -20.61
CA PRO C 128 26.32 8.74 -21.08
C PRO C 128 27.27 8.30 -19.97
N LEU C 129 27.96 7.21 -20.25
CA LEU C 129 28.99 6.71 -19.38
C LEU C 129 30.27 7.01 -20.15
N ALA C 130 30.73 8.24 -20.05
CA ALA C 130 31.92 8.66 -20.80
C ALA C 130 33.16 7.84 -20.36
N PRO C 131 34.06 7.69 -21.31
CA PRO C 131 35.36 7.08 -21.03
C PRO C 131 36.26 8.10 -20.35
N SER C 132 37.03 7.65 -19.36
CA SER C 132 37.92 8.52 -18.57
C SER C 132 38.95 9.30 -19.38
N SER C 133 39.18 10.54 -18.97
CA SER C 133 40.17 11.39 -19.64
C SER C 133 41.50 10.66 -19.66
N LYS C 134 41.75 9.85 -18.63
CA LYS C 134 42.96 9.05 -18.52
C LYS C 134 42.89 8.03 -19.65
N SER C 135 42.02 7.05 -19.42
CA SER C 135 41.72 5.93 -20.32
C SER C 135 41.32 4.78 -19.40
N THR C 136 40.88 3.66 -19.96
CA THR C 136 40.48 2.53 -19.15
C THR C 136 41.67 1.58 -19.00
N SER C 137 41.74 0.59 -19.89
CA SER C 137 42.82 -0.40 -19.85
C SER C 137 43.77 -0.23 -21.04
N GLY C 138 44.87 0.51 -20.82
CA GLY C 138 45.86 0.73 -21.86
C GLY C 138 45.67 -0.11 -23.11
N GLY C 139 45.17 0.53 -24.17
CA GLY C 139 44.93 -0.19 -25.41
C GLY C 139 43.43 -0.19 -25.70
N THR C 140 42.66 -0.77 -24.79
CA THR C 140 41.21 -0.80 -24.93
C THR C 140 40.64 0.26 -24.00
N SER C 141 39.37 0.55 -24.18
CA SER C 141 38.67 1.55 -23.39
C SER C 141 37.17 1.25 -23.31
N ALA C 142 36.55 1.65 -22.22
CA ALA C 142 35.13 1.38 -22.03
C ALA C 142 34.26 2.62 -21.92
N LEU C 143 33.18 2.65 -22.70
CA LEU C 143 32.24 3.76 -22.65
C LEU C 143 30.86 3.15 -22.64
N GLY C 144 29.88 3.89 -22.14
CA GLY C 144 28.53 3.32 -22.10
C GLY C 144 27.35 4.26 -21.99
N CYS C 145 26.21 3.64 -21.74
CA CYS C 145 24.96 4.35 -21.62
C CYS C 145 24.17 3.93 -20.42
N LEU C 146 23.65 4.93 -19.72
CA LEU C 146 22.82 4.72 -18.55
C LEU C 146 21.39 4.94 -19.05
N VAL C 147 20.58 3.88 -19.05
CA VAL C 147 19.17 3.92 -19.47
C VAL C 147 18.40 3.96 -18.15
N LYS C 148 18.27 5.19 -17.65
CA LYS C 148 17.64 5.44 -16.37
C LYS C 148 16.11 5.73 -16.28
N ASP C 149 15.48 5.20 -15.23
CA ASP C 149 14.05 5.36 -14.83
C ASP C 149 12.97 5.21 -15.93
N TYR C 150 12.82 3.99 -16.44
CA TYR C 150 11.78 3.69 -17.41
C TYR C 150 10.83 2.65 -16.85
N PHE C 151 9.68 2.51 -17.49
CA PHE C 151 8.65 1.57 -17.06
C PHE C 151 7.51 1.47 -18.08
N PRO C 152 7.03 0.25 -18.35
CA PRO C 152 7.50 -1.00 -17.76
C PRO C 152 8.68 -1.49 -18.59
N GLU C 153 9.00 -2.77 -18.46
CA GLU C 153 10.08 -3.34 -19.25
C GLU C 153 9.45 -3.76 -20.56
N PRO C 154 10.26 -3.99 -21.59
CA PRO C 154 11.72 -3.87 -21.56
C PRO C 154 12.25 -2.83 -22.53
N VAL C 155 13.54 -2.57 -22.46
CA VAL C 155 14.20 -1.66 -23.38
C VAL C 155 15.25 -2.51 -24.11
N THR C 156 15.57 -2.15 -25.35
CA THR C 156 16.57 -2.87 -26.11
C THR C 156 17.64 -1.86 -26.42
N VAL C 157 18.89 -2.31 -26.47
CA VAL C 157 19.99 -1.40 -26.77
C VAL C 157 20.93 -1.98 -27.82
N SER C 158 21.36 -1.14 -28.75
CA SER C 158 22.30 -1.54 -29.79
C SER C 158 23.33 -0.41 -29.83
N TRP C 159 24.41 -0.58 -30.59
CA TRP C 159 25.43 0.46 -30.68
C TRP C 159 25.74 0.80 -32.13
N ASN C 160 25.92 2.09 -32.41
CA ASN C 160 26.18 2.54 -33.77
C ASN C 160 25.24 1.83 -34.77
N SER C 161 23.96 1.72 -34.40
CA SER C 161 22.95 1.11 -35.25
C SER C 161 23.18 -0.38 -35.55
N GLY C 162 23.84 -1.08 -34.63
CA GLY C 162 24.08 -2.49 -34.84
C GLY C 162 25.45 -2.83 -35.42
N ALA C 163 26.19 -1.84 -35.89
CA ALA C 163 27.51 -2.05 -36.47
C ALA C 163 28.48 -2.58 -35.42
N LEU C 164 28.56 -1.87 -34.31
CA LEU C 164 29.44 -2.25 -33.21
C LEU C 164 28.79 -3.35 -32.39
N THR C 165 29.26 -4.59 -32.53
CA THR C 165 28.69 -5.71 -31.77
C THR C 165 29.66 -6.26 -30.74
N SER C 166 30.89 -6.52 -31.18
CA SER C 166 31.93 -7.07 -30.31
C SER C 166 32.37 -6.10 -29.21
N GLY C 167 32.50 -6.63 -27.99
CA GLY C 167 32.91 -5.83 -26.86
C GLY C 167 31.75 -5.19 -26.12
N VAL C 168 30.54 -5.56 -26.52
CA VAL C 168 29.33 -5.03 -25.94
C VAL C 168 28.67 -5.96 -24.94
N HIS C 169 28.05 -5.34 -23.94
CA HIS C 169 27.29 -6.06 -22.92
C HIS C 169 26.28 -5.08 -22.39
N THR C 170 25.03 -5.53 -22.38
CA THR C 170 23.95 -4.72 -21.86
C THR C 170 23.49 -5.47 -20.63
N PHE C 171 23.53 -4.81 -19.48
CA PHE C 171 23.16 -5.44 -18.23
C PHE C 171 21.68 -5.60 -17.98
N PRO C 172 21.34 -6.45 -17.00
CA PRO C 172 19.93 -6.69 -16.66
C PRO C 172 19.47 -5.40 -15.98
N ALA C 173 18.16 -5.24 -15.81
CA ALA C 173 17.69 -4.03 -15.18
C ALA C 173 17.66 -4.12 -13.64
N VAL C 174 17.60 -2.97 -13.01
CA VAL C 174 17.53 -2.87 -11.57
C VAL C 174 16.17 -2.22 -11.28
N LEU C 175 15.46 -2.69 -10.26
CA LEU C 175 14.16 -2.10 -9.91
C LEU C 175 14.37 -1.25 -8.68
N GLN C 176 14.45 0.06 -8.87
CA GLN C 176 14.67 0.96 -7.77
C GLN C 176 13.45 1.11 -6.87
N SER C 177 13.65 1.71 -5.70
CA SER C 177 12.56 1.92 -4.76
C SER C 177 11.49 2.77 -5.44
N SER C 178 11.93 3.72 -6.26
CA SER C 178 11.02 4.60 -6.98
C SER C 178 10.03 3.79 -7.83
N GLY C 179 10.24 2.48 -7.91
CA GLY C 179 9.36 1.63 -8.71
C GLY C 179 9.71 1.62 -10.17
N LEU C 180 10.71 2.43 -10.54
CA LEU C 180 11.14 2.53 -11.94
C LEU C 180 12.34 1.63 -12.24
N TYR C 181 12.55 1.37 -13.53
CA TYR C 181 13.64 0.52 -13.98
C TYR C 181 14.84 1.29 -14.54
N SER C 182 16.03 0.76 -14.27
CA SER C 182 17.28 1.33 -14.76
C SER C 182 18.16 0.21 -15.29
N LEU C 183 18.97 0.51 -16.30
CA LEU C 183 19.91 -0.47 -16.82
C LEU C 183 21.05 0.24 -17.55
N SER C 184 22.17 -0.46 -17.71
CA SER C 184 23.32 0.11 -18.42
C SER C 184 23.75 -0.83 -19.54
N SER C 185 24.44 -0.28 -20.52
CA SER C 185 24.96 -1.06 -21.63
C SER C 185 26.31 -0.47 -21.96
N VAL C 186 27.36 -1.29 -21.89
CA VAL C 186 28.68 -0.77 -22.19
C VAL C 186 29.40 -1.52 -23.28
N VAL C 187 30.42 -0.87 -23.82
CA VAL C 187 31.21 -1.48 -24.85
C VAL C 187 32.70 -1.14 -24.64
N THR C 188 33.57 -2.08 -24.96
CA THR C 188 35.01 -1.85 -24.84
C THR C 188 35.50 -1.57 -26.26
N VAL C 189 36.24 -0.49 -26.44
CA VAL C 189 36.75 -0.11 -27.76
C VAL C 189 38.19 0.35 -27.66
N PRO C 190 38.94 0.31 -28.77
CA PRO C 190 40.34 0.74 -28.75
C PRO C 190 40.51 2.18 -28.28
N SER C 191 41.33 2.37 -27.25
CA SER C 191 41.59 3.70 -26.68
C SER C 191 42.00 4.75 -27.70
N SER C 192 42.44 4.31 -28.86
CA SER C 192 42.85 5.22 -29.92
C SER C 192 41.66 5.80 -30.71
N SER C 193 40.60 5.00 -30.86
CA SER C 193 39.40 5.42 -31.58
C SER C 193 38.74 6.63 -30.91
N LEU C 194 38.94 6.77 -29.61
CA LEU C 194 38.35 7.88 -28.88
C LEU C 194 38.76 9.19 -29.48
N GLY C 195 37.78 9.94 -30.00
CA GLY C 195 38.09 11.22 -30.60
C GLY C 195 37.96 11.23 -32.11
N THR C 196 38.14 10.07 -32.74
CA THR C 196 38.03 9.99 -34.19
C THR C 196 36.83 9.15 -34.58
N GLN C 197 36.35 8.34 -33.63
CA GLN C 197 35.19 7.47 -33.87
C GLN C 197 34.03 7.84 -32.95
N THR C 198 32.92 8.20 -33.56
CA THR C 198 31.73 8.58 -32.82
C THR C 198 31.02 7.34 -32.29
N TYR C 199 30.54 7.42 -31.05
CA TYR C 199 29.85 6.29 -30.44
C TYR C 199 28.45 6.67 -29.97
N ILE C 200 27.47 5.89 -30.43
CA ILE C 200 26.08 6.12 -30.12
C ILE C 200 25.32 4.88 -29.71
N CYS C 201 24.59 4.96 -28.60
CA CYS C 201 23.80 3.81 -28.18
C CYS C 201 22.40 4.14 -28.64
N ASN C 202 21.75 3.16 -29.25
CA ASN C 202 20.40 3.32 -29.76
C ASN C 202 19.47 2.58 -28.80
N VAL C 203 18.64 3.35 -28.11
CA VAL C 203 17.71 2.83 -27.13
C VAL C 203 16.28 2.88 -27.65
N ASN C 204 15.55 1.79 -27.42
CA ASN C 204 14.15 1.68 -27.82
C ASN C 204 13.32 1.09 -26.68
N HIS C 205 12.22 1.76 -26.38
CA HIS C 205 11.31 1.37 -25.31
C HIS C 205 9.91 1.48 -25.91
N LYS C 206 9.47 0.37 -26.54
CA LYS C 206 8.17 0.30 -27.21
C LYS C 206 6.99 0.71 -26.33
N PRO C 207 6.95 0.23 -25.08
CA PRO C 207 5.84 0.60 -24.22
C PRO C 207 5.50 2.09 -24.26
N SER C 208 6.51 2.92 -24.50
CA SER C 208 6.33 4.36 -24.53
C SER C 208 6.57 5.00 -25.89
N ASN C 209 6.70 4.17 -26.93
CA ASN C 209 6.95 4.71 -28.26
C ASN C 209 8.11 5.71 -28.24
N THR C 210 9.12 5.38 -27.45
CA THR C 210 10.29 6.24 -27.30
C THR C 210 11.51 5.61 -27.96
N LYS C 211 12.31 6.45 -28.58
CA LYS C 211 13.52 5.99 -29.21
C LYS C 211 14.60 7.02 -28.99
N VAL C 212 15.68 6.59 -28.36
CA VAL C 212 16.78 7.51 -28.10
C VAL C 212 18.10 7.07 -28.69
N ASP C 213 18.75 7.99 -29.39
CA ASP C 213 20.06 7.76 -29.98
C ASP C 213 21.02 8.71 -29.27
N LYS C 214 21.62 8.21 -28.19
CA LYS C 214 22.53 9.00 -27.38
C LYS C 214 23.97 8.92 -27.85
N LYS C 215 24.62 10.07 -27.91
CA LYS C 215 26.00 10.14 -28.32
C LYS C 215 26.84 10.11 -27.05
N VAL C 216 27.86 9.25 -27.01
CA VAL C 216 28.73 9.17 -25.84
C VAL C 216 30.13 9.69 -26.22
N GLU C 217 30.45 10.88 -25.72
CA GLU C 217 31.74 11.53 -26.00
C GLU C 217 32.70 11.43 -24.84
N PRO C 218 34.01 11.61 -25.12
CA PRO C 218 35.07 11.56 -24.11
C PRO C 218 34.90 12.69 -23.10
N LYS C 219 35.00 12.38 -21.83
CA LYS C 219 34.83 13.39 -20.78
C LYS C 219 35.80 14.55 -21.01
N SER D 1 2.08 -27.51 5.96
CA SER D 1 2.80 -27.90 4.72
C SER D 1 3.99 -28.80 5.04
N TYR D 2 4.62 -29.30 3.99
CA TYR D 2 5.78 -30.19 4.09
C TYR D 2 6.95 -29.34 3.64
N GLU D 3 8.16 -29.90 3.67
CA GLU D 3 9.32 -29.12 3.26
C GLU D 3 10.40 -29.95 2.60
N LEU D 4 10.92 -29.42 1.50
CA LEU D 4 12.00 -30.09 0.79
C LEU D 4 13.22 -29.18 0.89
N THR D 5 14.31 -29.73 1.39
CA THR D 5 15.54 -28.98 1.56
C THR D 5 16.52 -29.36 0.46
N GLN D 6 17.23 -28.36 -0.06
CA GLN D 6 18.20 -28.59 -1.12
C GLN D 6 19.45 -27.72 -0.93
N PRO D 7 20.63 -28.28 -1.21
CA PRO D 7 21.80 -27.43 -1.03
C PRO D 7 21.64 -26.29 -2.04
N PRO D 8 21.99 -25.07 -1.65
CA PRO D 8 21.84 -23.98 -2.62
C PRO D 8 22.80 -24.00 -3.80
N SER D 9 23.97 -24.61 -3.61
CA SER D 9 24.95 -24.67 -4.69
C SER D 9 25.66 -26.01 -4.82
N VAL D 10 25.95 -26.39 -6.07
CA VAL D 10 26.68 -27.62 -6.36
C VAL D 10 27.50 -27.33 -7.60
N SER D 11 28.81 -27.17 -7.42
CA SER D 11 29.72 -26.90 -8.52
C SER D 11 30.44 -28.21 -8.83
N VAL D 12 30.58 -28.54 -10.10
CA VAL D 12 31.24 -29.78 -10.49
C VAL D 12 32.05 -29.60 -11.78
N ALA D 13 33.14 -30.33 -11.90
CA ALA D 13 33.98 -30.23 -13.10
C ALA D 13 33.38 -31.10 -14.19
N PRO D 14 33.48 -30.65 -15.44
CA PRO D 14 32.94 -31.40 -16.58
C PRO D 14 33.48 -32.83 -16.62
N GLY D 15 32.60 -33.78 -16.93
CA GLY D 15 33.00 -35.18 -17.00
C GLY D 15 32.80 -35.86 -15.65
N LYS D 16 33.04 -35.10 -14.58
CA LYS D 16 32.87 -35.62 -13.23
C LYS D 16 31.38 -35.87 -12.98
N THR D 17 31.05 -36.50 -11.86
CA THR D 17 29.66 -36.78 -11.53
C THR D 17 29.12 -35.79 -10.48
N ALA D 18 27.91 -35.29 -10.73
CA ALA D 18 27.27 -34.34 -9.82
C ALA D 18 26.10 -35.00 -9.10
N ARG D 19 26.03 -34.78 -7.79
CA ARG D 19 24.96 -35.35 -6.98
C ARG D 19 24.22 -34.22 -6.29
N ILE D 20 22.93 -34.10 -6.58
CA ILE D 20 22.12 -33.05 -5.98
C ILE D 20 21.13 -33.73 -5.04
N THR D 21 21.21 -33.39 -3.75
CA THR D 21 20.32 -34.02 -2.78
C THR D 21 19.08 -33.19 -2.44
N CYS D 22 18.08 -33.88 -1.92
CA CYS D 22 16.81 -33.28 -1.55
C CYS D 22 16.38 -33.98 -0.26
N GLY D 23 16.14 -33.22 0.78
CA GLY D 23 15.77 -33.82 2.05
C GLY D 23 14.38 -33.48 2.57
N GLY D 24 13.71 -34.50 3.09
CA GLY D 24 12.37 -34.34 3.63
C GLY D 24 12.00 -35.50 4.53
N ASN D 25 11.01 -35.30 5.38
CA ASN D 25 10.54 -36.32 6.31
C ASN D 25 9.95 -37.54 5.60
N ASN D 26 10.72 -38.62 5.58
CA ASN D 26 10.31 -39.86 4.93
C ASN D 26 9.92 -39.60 3.49
N ILE D 27 10.71 -38.73 2.85
CA ILE D 27 10.51 -38.37 1.46
C ILE D 27 10.60 -39.65 0.64
N GLY D 28 11.22 -40.66 1.23
CA GLY D 28 11.38 -41.94 0.55
C GLY D 28 10.05 -42.61 0.30
N SER D 29 9.04 -42.23 1.09
CA SER D 29 7.72 -42.81 0.95
C SER D 29 7.03 -42.17 -0.27
N LYS D 30 7.29 -40.89 -0.46
CA LYS D 30 6.72 -40.11 -1.57
C LYS D 30 7.33 -40.40 -2.93
N SER D 31 6.70 -39.84 -3.96
CA SER D 31 7.19 -40.02 -5.33
C SER D 31 7.94 -38.72 -5.66
N VAL D 32 9.25 -38.84 -5.86
CA VAL D 32 10.11 -37.68 -6.13
C VAL D 32 10.24 -37.27 -7.59
N HIS D 33 10.05 -35.99 -7.87
CA HIS D 33 10.18 -35.48 -9.23
C HIS D 33 11.26 -34.39 -9.30
N TRP D 34 12.09 -34.43 -10.34
CA TRP D 34 13.15 -33.46 -10.54
C TRP D 34 12.97 -32.62 -11.80
N TYR D 35 13.09 -31.30 -11.67
CA TYR D 35 12.97 -30.41 -12.81
C TYR D 35 14.28 -29.65 -13.04
N GLN D 36 14.56 -29.35 -14.31
CA GLN D 36 15.73 -28.58 -14.69
C GLN D 36 15.23 -27.25 -15.27
N GLN D 37 15.85 -26.14 -14.86
CA GLN D 37 15.43 -24.84 -15.36
C GLN D 37 16.64 -23.96 -15.69
N LYS D 38 16.81 -23.66 -16.97
CA LYS D 38 17.89 -22.80 -17.41
C LYS D 38 17.35 -21.38 -17.51
N PRO D 39 18.23 -20.37 -17.35
CA PRO D 39 17.84 -18.97 -17.42
C PRO D 39 16.86 -18.61 -18.56
N GLY D 40 15.84 -17.84 -18.21
CA GLY D 40 14.86 -17.42 -19.19
C GLY D 40 13.92 -18.50 -19.66
N GLN D 41 14.22 -19.75 -19.33
CA GLN D 41 13.35 -20.83 -19.78
C GLN D 41 12.45 -21.37 -18.69
N ALA D 42 11.50 -22.22 -19.08
CA ALA D 42 10.58 -22.81 -18.13
C ALA D 42 11.16 -24.14 -17.63
N PRO D 43 10.66 -24.64 -16.49
CA PRO D 43 11.16 -25.90 -15.94
C PRO D 43 10.97 -27.07 -16.91
N VAL D 44 11.79 -28.10 -16.74
CA VAL D 44 11.69 -29.30 -17.58
C VAL D 44 11.84 -30.56 -16.73
N LEU D 45 10.84 -31.44 -16.79
CA LEU D 45 10.91 -32.67 -16.03
C LEU D 45 12.04 -33.49 -16.60
N VAL D 46 12.98 -33.90 -15.75
CA VAL D 46 14.14 -34.68 -16.20
C VAL D 46 14.12 -36.07 -15.58
N VAL D 47 13.60 -36.16 -14.36
CA VAL D 47 13.48 -37.43 -13.65
C VAL D 47 12.16 -37.41 -12.87
N TYR D 48 11.37 -38.47 -13.00
CA TYR D 48 10.10 -38.54 -12.29
C TYR D 48 9.85 -39.89 -11.63
N ASP D 49 9.03 -39.86 -10.59
CA ASP D 49 8.70 -41.04 -9.81
C ASP D 49 9.98 -41.71 -9.34
N ASP D 50 10.76 -40.97 -8.56
CA ASP D 50 11.99 -41.46 -7.99
C ASP D 50 13.12 -41.72 -8.98
N SER D 51 12.84 -42.45 -10.06
CA SER D 51 13.91 -42.75 -11.01
C SER D 51 13.58 -42.95 -12.50
N ASP D 52 12.42 -42.47 -12.96
CA ASP D 52 12.09 -42.63 -14.37
C ASP D 52 12.50 -41.40 -15.19
N ARG D 53 13.08 -41.65 -16.37
CA ARG D 53 13.50 -40.55 -17.23
C ARG D 53 12.56 -40.38 -18.41
N PRO D 54 11.90 -39.22 -18.51
CA PRO D 54 10.98 -39.00 -19.63
C PRO D 54 11.76 -39.05 -20.94
N SER D 55 11.09 -39.47 -22.01
CA SER D 55 11.74 -39.55 -23.31
C SER D 55 12.36 -38.19 -23.67
N GLY D 56 13.64 -38.21 -24.02
CA GLY D 56 14.33 -36.99 -24.38
C GLY D 56 15.43 -36.62 -23.40
N ILE D 57 15.38 -37.18 -22.19
CA ILE D 57 16.37 -36.90 -21.17
C ILE D 57 17.51 -37.92 -21.21
N PRO D 58 18.76 -37.43 -21.27
CA PRO D 58 19.94 -38.31 -21.32
C PRO D 58 20.03 -39.27 -20.12
N GLU D 59 20.59 -40.44 -20.36
CA GLU D 59 20.75 -41.47 -19.34
C GLU D 59 21.62 -41.06 -18.17
N ARG D 60 22.44 -40.02 -18.38
CA ARG D 60 23.33 -39.51 -17.36
C ARG D 60 22.54 -39.09 -16.12
N PHE D 61 21.27 -38.75 -16.32
CA PHE D 61 20.38 -38.33 -15.24
C PHE D 61 19.72 -39.50 -14.52
N SER D 62 20.31 -39.96 -13.44
CA SER D 62 19.76 -41.06 -12.66
C SER D 62 19.15 -40.50 -11.38
N GLY D 63 18.09 -41.13 -10.90
CA GLY D 63 17.44 -40.66 -9.69
C GLY D 63 17.31 -41.74 -8.63
N SER D 64 17.32 -41.35 -7.37
CA SER D 64 17.19 -42.30 -6.27
C SER D 64 16.48 -41.67 -5.07
N ASN D 65 15.85 -42.50 -4.26
CA ASN D 65 15.14 -42.05 -3.08
C ASN D 65 15.01 -43.17 -2.06
N SER D 66 15.27 -42.84 -0.80
CA SER D 66 15.19 -43.77 0.32
C SER D 66 15.50 -42.99 1.58
N GLY D 67 14.75 -43.26 2.63
CA GLY D 67 14.97 -42.54 3.88
C GLY D 67 14.41 -41.14 3.76
N ASN D 68 15.08 -40.18 4.37
CA ASN D 68 14.65 -38.78 4.34
C ASN D 68 15.48 -37.99 3.34
N THR D 69 16.14 -38.69 2.44
CA THR D 69 16.96 -38.03 1.45
C THR D 69 16.81 -38.60 0.04
N ALA D 70 16.37 -37.74 -0.88
CA ALA D 70 16.21 -38.09 -2.30
C ALA D 70 17.43 -37.49 -3.00
N THR D 71 17.99 -38.22 -3.96
CA THR D 71 19.17 -37.74 -4.66
C THR D 71 19.11 -37.84 -6.19
N LEU D 72 19.43 -36.73 -6.84
CA LEU D 72 19.49 -36.64 -8.29
C LEU D 72 20.95 -36.68 -8.69
N THR D 73 21.31 -37.66 -9.52
CA THR D 73 22.70 -37.80 -9.97
C THR D 73 22.85 -37.52 -11.46
N ILE D 74 23.89 -36.77 -11.80
CA ILE D 74 24.21 -36.45 -13.19
C ILE D 74 25.66 -36.86 -13.38
N SER D 75 25.86 -37.90 -14.18
CA SER D 75 27.20 -38.43 -14.44
C SER D 75 27.74 -37.83 -15.73
N ARG D 76 29.05 -37.84 -15.91
CA ARG D 76 29.65 -37.29 -17.11
C ARG D 76 29.05 -35.92 -17.39
N VAL D 77 29.13 -35.06 -16.37
CA VAL D 77 28.60 -33.71 -16.44
C VAL D 77 29.01 -32.95 -17.70
N GLU D 78 28.03 -32.27 -18.30
CA GLU D 78 28.28 -31.48 -19.50
C GLU D 78 27.91 -30.03 -19.23
N ALA D 79 28.60 -29.10 -19.89
CA ALA D 79 28.29 -27.70 -19.67
C ALA D 79 26.80 -27.45 -19.91
N GLY D 80 26.17 -28.27 -20.76
CA GLY D 80 24.75 -28.11 -21.02
C GLY D 80 23.86 -28.58 -19.87
N ASP D 81 24.48 -29.13 -18.84
CA ASP D 81 23.73 -29.59 -17.67
C ASP D 81 23.64 -28.47 -16.64
N GLU D 82 24.41 -27.39 -16.85
CA GLU D 82 24.36 -26.25 -15.94
C GLU D 82 22.95 -25.73 -15.93
N ALA D 83 22.40 -25.59 -14.74
CA ALA D 83 21.02 -25.13 -14.62
C ALA D 83 20.62 -25.18 -13.17
N ASP D 84 19.40 -24.73 -12.90
CA ASP D 84 18.87 -24.81 -11.56
C ASP D 84 18.06 -26.10 -11.54
N TYR D 85 18.21 -26.87 -10.47
CA TYR D 85 17.48 -28.12 -10.34
C TYR D 85 16.58 -28.08 -9.12
N TYR D 86 15.33 -28.49 -9.31
CA TYR D 86 14.31 -28.49 -8.26
C TYR D 86 13.70 -29.88 -8.04
N CYS D 87 13.64 -30.33 -6.80
CA CYS D 87 12.97 -31.61 -6.51
C CYS D 87 11.55 -31.22 -6.13
N GLN D 88 10.63 -32.16 -6.28
CA GLN D 88 9.24 -31.87 -5.96
C GLN D 88 8.48 -33.14 -5.61
N VAL D 89 7.60 -33.05 -4.62
CA VAL D 89 6.80 -34.21 -4.24
C VAL D 89 5.34 -33.83 -4.06
N TRP D 90 4.46 -34.82 -4.20
CA TRP D 90 3.05 -34.55 -3.98
C TRP D 90 2.83 -34.96 -2.54
N ASP D 91 2.25 -34.06 -1.76
CA ASP D 91 1.98 -34.32 -0.35
C ASP D 91 0.52 -34.02 -0.08
N SER D 92 -0.28 -35.07 0.13
CA SER D 92 -1.70 -34.91 0.40
C SER D 92 -1.96 -33.87 1.50
N SER D 93 -0.90 -33.48 2.19
CA SER D 93 -1.00 -32.51 3.28
C SER D 93 -0.57 -31.12 2.82
N SER D 94 0.21 -31.07 1.74
CA SER D 94 0.70 -29.79 1.22
C SER D 94 0.46 -29.67 -0.29
N ASP D 95 -0.17 -30.69 -0.86
CA ASP D 95 -0.44 -30.75 -2.28
C ASP D 95 0.88 -30.88 -3.01
N TYR D 96 1.28 -29.85 -3.74
CA TYR D 96 2.54 -29.90 -4.48
C TYR D 96 3.60 -29.06 -3.79
N VAL D 97 4.70 -29.71 -3.44
CA VAL D 97 5.80 -29.04 -2.75
C VAL D 97 7.06 -29.06 -3.59
N PHE D 98 7.71 -27.91 -3.69
CA PHE D 98 8.95 -27.79 -4.46
C PHE D 98 10.14 -27.55 -3.53
N GLY D 99 11.29 -28.14 -3.86
CA GLY D 99 12.47 -27.93 -3.04
C GLY D 99 12.96 -26.49 -3.19
N THR D 100 13.95 -26.10 -2.40
CA THR D 100 14.48 -24.74 -2.48
C THR D 100 15.27 -24.56 -3.76
N GLY D 101 15.71 -25.66 -4.35
CA GLY D 101 16.47 -25.59 -5.59
C GLY D 101 17.97 -25.52 -5.45
N THR D 102 18.68 -26.02 -6.45
CA THR D 102 20.13 -26.00 -6.44
C THR D 102 20.73 -25.56 -7.75
N LYS D 103 21.57 -24.53 -7.71
CA LYS D 103 22.23 -24.08 -8.92
C LYS D 103 23.42 -24.99 -9.12
N VAL D 104 23.50 -25.63 -10.28
CA VAL D 104 24.61 -26.52 -10.57
C VAL D 104 25.56 -25.83 -11.53
N THR D 105 26.74 -25.51 -11.03
CA THR D 105 27.77 -24.85 -11.80
C THR D 105 28.74 -25.87 -12.38
N VAL D 106 28.79 -25.95 -13.71
CA VAL D 106 29.72 -26.87 -14.35
C VAL D 106 30.98 -26.04 -14.59
N LEU D 107 31.97 -26.23 -13.72
CA LEU D 107 33.24 -25.51 -13.78
C LEU D 107 34.13 -25.92 -14.95
N GLY D 108 33.78 -25.48 -16.14
CA GLY D 108 34.55 -25.82 -17.32
C GLY D 108 35.24 -24.59 -17.83
N GLN D 109 35.90 -23.89 -16.90
CA GLN D 109 36.58 -22.66 -17.22
C GLN D 109 37.38 -22.27 -15.99
N PRO D 110 38.59 -21.70 -16.18
CA PRO D 110 39.40 -21.30 -15.03
C PRO D 110 38.85 -20.05 -14.35
N LYS D 111 39.29 -19.82 -13.11
CA LYS D 111 38.85 -18.65 -12.37
C LYS D 111 39.19 -17.39 -13.19
N ALA D 112 38.31 -16.41 -13.15
CA ALA D 112 38.53 -15.17 -13.87
C ALA D 112 38.29 -14.03 -12.90
N ASN D 113 39.31 -13.20 -12.71
CA ASN D 113 39.21 -12.06 -11.82
C ASN D 113 38.38 -10.98 -12.50
N PRO D 114 37.56 -10.29 -11.72
CA PRO D 114 36.72 -9.23 -12.29
C PRO D 114 37.44 -7.96 -12.71
N THR D 115 36.93 -7.37 -13.79
CA THR D 115 37.38 -6.07 -14.28
C THR D 115 36.36 -5.11 -13.73
N VAL D 116 36.84 -4.00 -13.17
CA VAL D 116 35.94 -3.04 -12.57
C VAL D 116 36.09 -1.64 -13.17
N THR D 117 34.98 -1.08 -13.68
CA THR D 117 34.97 0.27 -14.27
C THR D 117 33.95 1.15 -13.52
N LEU D 118 34.39 2.27 -12.96
CA LEU D 118 33.50 3.13 -12.21
C LEU D 118 33.33 4.48 -12.86
N PHE D 119 32.12 4.74 -13.36
CA PHE D 119 31.85 6.01 -14.02
C PHE D 119 31.24 7.04 -13.10
N PRO D 120 31.82 8.25 -13.08
CA PRO D 120 31.27 9.30 -12.21
C PRO D 120 29.96 9.75 -12.87
N PRO D 121 29.11 10.48 -12.13
CA PRO D 121 27.84 10.98 -12.65
C PRO D 121 28.08 11.91 -13.82
N SER D 122 27.10 11.98 -14.73
CA SER D 122 27.13 12.88 -15.88
C SER D 122 26.50 14.18 -15.37
N SER D 123 27.14 15.32 -15.61
CA SER D 123 26.55 16.58 -15.15
C SER D 123 25.12 16.68 -15.69
N GLU D 124 24.90 16.12 -16.87
CA GLU D 124 23.57 16.14 -17.47
C GLU D 124 22.47 15.64 -16.55
N GLU D 125 22.81 14.64 -15.73
CA GLU D 125 21.83 14.06 -14.84
C GLU D 125 21.45 15.02 -13.74
N PHE D 126 22.33 15.98 -13.48
CA PHE D 126 22.11 16.98 -12.45
C PHE D 126 20.85 17.77 -12.72
N GLN D 127 20.51 17.97 -13.99
CA GLN D 127 19.31 18.72 -14.30
C GLN D 127 18.03 17.98 -13.96
N ALA D 128 18.18 16.78 -13.41
CA ALA D 128 17.05 15.98 -12.97
C ALA D 128 17.23 15.81 -11.45
N ASN D 129 18.15 16.60 -10.91
CA ASN D 129 18.51 16.63 -9.49
C ASN D 129 19.11 15.30 -9.01
N LYS D 130 19.42 14.43 -9.97
CA LYS D 130 19.99 13.14 -9.65
C LYS D 130 21.49 13.13 -9.92
N ALA D 131 22.17 12.15 -9.33
CA ALA D 131 23.61 11.97 -9.49
C ALA D 131 23.91 10.49 -9.24
N THR D 132 24.02 9.72 -10.31
CA THR D 132 24.27 8.29 -10.20
C THR D 132 25.66 7.83 -10.59
N LEU D 133 26.30 7.08 -9.71
CA LEU D 133 27.62 6.51 -9.99
C LEU D 133 27.32 5.09 -10.44
N VAL D 134 27.94 4.65 -11.53
CA VAL D 134 27.68 3.31 -12.05
C VAL D 134 28.95 2.49 -12.04
N CYS D 135 28.89 1.37 -11.31
CA CYS D 135 30.02 0.46 -11.19
C CYS D 135 29.74 -0.78 -12.01
N LEU D 136 30.51 -0.94 -13.08
CA LEU D 136 30.33 -2.08 -13.95
C LEU D 136 31.43 -3.11 -13.73
N ILE D 137 31.01 -4.34 -13.45
CA ILE D 137 31.93 -5.42 -13.16
C ILE D 137 31.86 -6.46 -14.25
N SER D 138 32.97 -6.69 -14.92
CA SER D 138 32.97 -7.63 -16.02
C SER D 138 34.10 -8.65 -16.04
N ASP D 139 33.90 -9.69 -16.85
CA ASP D 139 34.89 -10.74 -17.06
C ASP D 139 35.30 -11.59 -15.88
N PHE D 140 34.36 -12.01 -15.06
CA PHE D 140 34.76 -12.82 -13.93
C PHE D 140 34.08 -14.17 -13.95
N TYR D 141 34.66 -15.11 -13.20
CA TYR D 141 34.14 -16.46 -13.13
C TYR D 141 34.72 -17.19 -11.90
N PRO D 142 33.88 -17.91 -11.16
CA PRO D 142 32.43 -18.08 -11.39
C PRO D 142 31.63 -16.81 -11.16
N GLY D 143 30.34 -16.85 -11.48
CA GLY D 143 29.51 -15.67 -11.31
C GLY D 143 28.95 -15.43 -9.92
N ALA D 144 29.81 -14.97 -9.02
CA ALA D 144 29.38 -14.70 -7.66
C ALA D 144 30.29 -13.63 -7.12
N VAL D 145 29.69 -12.51 -6.71
CA VAL D 145 30.46 -11.40 -6.21
C VAL D 145 29.64 -10.62 -5.19
N THR D 146 30.26 -9.62 -4.58
CA THR D 146 29.59 -8.78 -3.60
C THR D 146 30.19 -7.40 -3.77
N VAL D 147 29.32 -6.41 -3.92
CA VAL D 147 29.75 -5.05 -4.13
C VAL D 147 29.56 -4.22 -2.87
N ALA D 148 30.43 -3.25 -2.67
CA ALA D 148 30.36 -2.38 -1.52
C ALA D 148 30.82 -0.97 -1.91
N TRP D 149 30.06 0.03 -1.50
CA TRP D 149 30.41 1.40 -1.85
C TRP D 149 30.89 2.15 -0.64
N LYS D 150 31.70 3.17 -0.89
CA LYS D 150 32.25 4.03 0.15
C LYS D 150 32.24 5.49 -0.28
N ALA D 151 32.18 6.38 0.70
CA ALA D 151 32.19 7.81 0.47
C ALA D 151 33.32 8.40 1.32
N ASP D 152 34.36 8.89 0.66
CA ASP D 152 35.51 9.45 1.37
C ASP D 152 36.11 8.40 2.30
N GLY D 153 35.86 7.13 2.00
CA GLY D 153 36.42 6.07 2.82
C GLY D 153 35.46 5.26 3.69
N SER D 154 34.37 5.87 4.13
CA SER D 154 33.41 5.13 4.96
C SER D 154 32.30 4.52 4.12
N PRO D 155 31.79 3.35 4.55
CA PRO D 155 30.73 2.63 3.84
C PRO D 155 29.52 3.50 3.54
N VAL D 156 28.72 3.06 2.58
CA VAL D 156 27.52 3.77 2.18
C VAL D 156 26.34 2.83 2.33
N LYS D 157 25.31 3.27 3.06
CA LYS D 157 24.13 2.45 3.27
C LYS D 157 23.05 2.71 2.22
N ALA D 158 22.59 3.96 2.18
CA ALA D 158 21.53 4.38 1.28
C ALA D 158 21.93 4.59 -0.17
N GLY D 159 20.99 4.29 -1.08
CA GLY D 159 21.18 4.50 -2.51
C GLY D 159 21.79 3.43 -3.41
N VAL D 160 22.09 2.26 -2.86
CA VAL D 160 22.72 1.22 -3.65
C VAL D 160 21.72 0.26 -4.26
N GLU D 161 22.04 -0.19 -5.47
CA GLU D 161 21.22 -1.14 -6.21
C GLU D 161 22.19 -1.96 -7.03
N THR D 162 22.14 -3.27 -6.88
CA THR D 162 23.07 -4.18 -7.55
C THR D 162 22.36 -5.33 -8.26
N THR D 163 22.77 -5.65 -9.48
CA THR D 163 22.15 -6.72 -10.25
C THR D 163 22.84 -8.04 -9.99
N LYS D 164 22.10 -9.14 -10.11
CA LYS D 164 22.73 -10.43 -9.93
C LYS D 164 23.60 -10.63 -11.16
N PRO D 165 24.76 -11.27 -11.00
CA PRO D 165 25.59 -11.46 -12.20
C PRO D 165 24.94 -12.37 -13.23
N SER D 166 25.16 -12.06 -14.50
CA SER D 166 24.64 -12.88 -15.58
C SER D 166 25.74 -13.02 -16.62
N LYS D 167 25.61 -14.02 -17.49
CA LYS D 167 26.60 -14.31 -18.52
C LYS D 167 26.77 -13.32 -19.67
N GLN D 168 28.02 -13.03 -19.98
CA GLN D 168 28.37 -12.14 -21.08
C GLN D 168 28.44 -13.03 -22.32
N SER D 169 28.49 -12.41 -23.50
CA SER D 169 28.56 -13.17 -24.74
C SER D 169 29.76 -14.12 -24.75
N ASN D 170 30.78 -13.79 -23.96
CA ASN D 170 32.00 -14.60 -23.89
C ASN D 170 31.99 -15.70 -22.83
N ASN D 171 30.82 -15.99 -22.28
CA ASN D 171 30.69 -17.06 -21.29
C ASN D 171 31.24 -16.73 -19.90
N LYS D 172 31.74 -15.51 -19.73
CA LYS D 172 32.22 -15.09 -18.42
C LYS D 172 31.06 -14.26 -17.86
N TYR D 173 31.18 -13.80 -16.62
CA TYR D 173 30.10 -13.04 -16.01
C TYR D 173 30.37 -11.57 -15.85
N ALA D 174 29.27 -10.82 -15.73
CA ALA D 174 29.34 -9.39 -15.53
C ALA D 174 28.23 -9.02 -14.56
N ALA D 175 28.38 -7.87 -13.91
CA ALA D 175 27.36 -7.38 -12.98
C ALA D 175 27.51 -5.87 -12.90
N SER D 176 26.47 -5.20 -12.43
CA SER D 176 26.51 -3.75 -12.29
C SER D 176 25.96 -3.34 -10.94
N SER D 177 26.38 -2.18 -10.46
CA SER D 177 25.90 -1.68 -9.18
C SER D 177 25.71 -0.17 -9.28
N TYR D 178 24.78 0.37 -8.51
CA TYR D 178 24.48 1.79 -8.58
C TYR D 178 24.40 2.47 -7.24
N LEU D 179 24.90 3.70 -7.20
CA LEU D 179 24.91 4.51 -6.01
C LEU D 179 24.16 5.79 -6.38
N SER D 180 22.89 5.83 -6.01
CA SER D 180 22.02 6.97 -6.30
C SER D 180 22.13 8.08 -5.25
N LEU D 181 22.20 9.32 -5.70
CA LEU D 181 22.30 10.42 -4.77
C LEU D 181 22.04 11.78 -5.43
N THR D 182 22.18 12.85 -4.65
CA THR D 182 21.94 14.20 -5.15
C THR D 182 23.26 14.79 -5.63
N PRO D 183 23.18 15.81 -6.50
CA PRO D 183 24.39 16.46 -7.01
C PRO D 183 25.19 17.12 -5.91
N GLU D 184 24.50 17.49 -4.83
CA GLU D 184 25.12 18.14 -3.68
C GLU D 184 26.05 17.15 -2.97
N GLN D 185 25.49 16.02 -2.57
CA GLN D 185 26.26 14.98 -1.89
C GLN D 185 27.49 14.66 -2.74
N TRP D 186 27.25 14.35 -4.02
CA TRP D 186 28.32 14.03 -4.96
C TRP D 186 29.48 15.02 -4.88
N LYS D 187 29.18 16.30 -5.07
CA LYS D 187 30.18 17.36 -5.03
C LYS D 187 30.77 17.63 -3.64
N SER D 188 30.05 17.24 -2.59
CA SER D 188 30.49 17.50 -1.22
C SER D 188 31.49 16.52 -0.63
N HIS D 189 31.81 15.46 -1.36
CA HIS D 189 32.76 14.47 -0.86
C HIS D 189 34.03 14.55 -1.70
N ARG D 190 35.16 14.15 -1.13
CA ARG D 190 36.41 14.20 -1.88
C ARG D 190 36.48 13.06 -2.88
N SER D 191 35.81 11.95 -2.58
CA SER D 191 35.82 10.81 -3.47
C SER D 191 34.83 9.75 -3.06
N TYR D 192 34.60 8.79 -3.96
CA TYR D 192 33.72 7.67 -3.73
C TYR D 192 34.40 6.41 -4.26
N SER D 193 34.01 5.25 -3.73
CA SER D 193 34.63 4.02 -4.17
C SER D 193 33.65 2.89 -4.29
N CYS D 194 33.92 2.03 -5.27
CA CYS D 194 33.17 0.82 -5.54
C CYS D 194 34.15 -0.35 -5.33
N GLN D 195 33.84 -1.20 -4.35
CA GLN D 195 34.68 -2.33 -4.02
C GLN D 195 33.98 -3.64 -4.35
N VAL D 196 34.67 -4.48 -5.13
CA VAL D 196 34.17 -5.77 -5.55
C VAL D 196 34.95 -6.93 -4.94
N THR D 197 34.25 -7.83 -4.27
CA THR D 197 34.87 -9.00 -3.68
C THR D 197 34.49 -10.23 -4.52
N HIS D 198 35.51 -10.93 -5.02
CA HIS D 198 35.34 -12.13 -5.83
C HIS D 198 36.33 -13.20 -5.36
N GLU D 199 35.84 -14.43 -5.21
CA GLU D 199 36.66 -15.56 -4.80
C GLU D 199 37.76 -15.17 -3.81
N GLY D 200 37.35 -14.54 -2.71
CA GLY D 200 38.30 -14.13 -1.69
C GLY D 200 39.16 -12.93 -2.00
N SER D 201 39.08 -12.42 -3.21
CA SER D 201 39.89 -11.26 -3.59
C SER D 201 39.06 -10.01 -3.78
N THR D 202 39.68 -8.88 -3.47
CA THR D 202 39.02 -7.58 -3.57
C THR D 202 39.62 -6.62 -4.58
N VAL D 203 38.76 -6.02 -5.40
CA VAL D 203 39.19 -5.02 -6.36
C VAL D 203 38.37 -3.76 -6.07
N GLU D 204 39.03 -2.63 -5.95
CA GLU D 204 38.33 -1.38 -5.65
C GLU D 204 38.79 -0.26 -6.54
N LYS D 205 37.81 0.48 -7.07
CA LYS D 205 38.02 1.64 -7.95
C LYS D 205 37.47 2.90 -7.32
N THR D 206 38.12 4.03 -7.56
CA THR D 206 37.69 5.30 -6.99
C THR D 206 37.54 6.47 -7.97
N VAL D 207 36.59 7.36 -7.69
CA VAL D 207 36.40 8.57 -8.50
C VAL D 207 36.24 9.76 -7.56
N ALA D 208 36.61 10.93 -8.06
CA ALA D 208 36.53 12.16 -7.28
C ALA D 208 35.88 13.27 -8.10
N PRO D 209 34.98 14.05 -7.49
CA PRO D 209 34.29 15.15 -8.18
C PRO D 209 35.30 16.13 -8.78
N THR D 210 36.53 16.05 -8.30
CA THR D 210 37.59 16.94 -8.76
C THR D 210 38.25 16.53 -10.08
N GLU D 211 38.84 15.34 -10.10
CA GLU D 211 39.52 14.83 -11.28
C GLU D 211 38.63 14.92 -12.53
#